data_3ZUW
#
_entry.id   3ZUW
#
_cell.length_a   139.865
_cell.length_b   139.865
_cell.length_c   184.738
_cell.angle_alpha   90.00
_cell.angle_beta   90.00
_cell.angle_gamma   120.00
#
_symmetry.space_group_name_H-M   'P 31 2 1'
#
loop_
_entity.id
_entity.type
_entity.pdbx_description
1 polymer 'REACTION CENTER PROTEIN H CHAIN'
2 polymer 'REACTION CENTER PROTEIN L CHAIN'
3 polymer 'REACTION CENTER PROTEIN M CHAIN'
4 non-polymer 'LAURYL DIMETHYLAMINE-N-OXIDE'
5 non-polymer 'BACTERIOCHLOROPHYLL A'
6 non-polymer 'BACTERIOPHEOPHYTIN A'
7 non-polymer UBIQUINONE-10
8 non-polymer 'FE (III) ION'
9 non-polymer 'PHOSPHATE ION'
10 non-polymer SPEROIDENONE
11 water water
#
loop_
_entity_poly.entity_id
_entity_poly.type
_entity_poly.pdbx_seq_one_letter_code
_entity_poly.pdbx_strand_id
1 'polypeptide(L)'
;MVGVTAFGNFDLASLAIYSFWIFLAGLIYYLQTENMREGYPLENEDGTPAANQGPFPLPKPKTFILPHGRGTLTVPGPES
EDRPIALARTAVSEGFPHAPTGDPMKDGVGPASWVARRDLPELDGHGHNKIKPMKAAAGFHVSAGKNPIGLPVRGCDLEI
AGKVVDIWVDIPEQMARFLEVELKDGSTRLLPMQMVKVQSNRVHVNALSSDLFAGIPTIKSPTEVTLLEEDKICGYVAGG
LMYAAPKRKSVVAAMLAEYA
;
H
2 'polypeptide(L)'
;ALLSFERKYRVPGGTLVGGNLFDFWVGPFYVGFFGVATFFFAALGIILIAWSAVLQGTWNPQLISVYPPALEYGLGGAPL
AKGGLWQIITICATGAFVSWALREVEICRKLGIGYHIPFAFAFAILAHLTLVLFRPVMMGAWGYAFPYGIWTHLDWVSNT
GYTYGNFHYNPAHMIAISFFFTNALALALHGALVLSAANPEKGKEMRTPDHEDTFFRDLVGYSIGTLGIHRLGLLLSLSA
VFFSALCMIITGTIWFDQWVDWWQWWVKLPWWANIPGGING
;
L
3 'polypeptide(L)'
;AEYQNIFSQVQVRGPADLGMTEDVNLANRSGVGPFSTLLGWFGNAQLGPIYLGSLGVLSLFSGLMWFFTIGIWFWYQAGW
NPAVFLRDLFFFSLEPPAPEYGLSFAAPLKEGGLWLIASFFMFVAVWSWWGRTYLRAQALGMGKHTAWAFLSAIWLWMVL
GFIRPILMGSWSEAVPYGIFSHLDWTNNFSLVHGNLFYNPFHGLSIAFLYGSALLFAMHGATILAVSRFGGERELEQIAD
RGTAAERAALFWRWTMGFNATMEGIHRWAIWMAVLVTLTGGIGILLSGTVVDNWYVWGQNHGMAPLN
;
M
#
loop_
_chem_comp.id
_chem_comp.type
_chem_comp.name
_chem_comp.formula
BCL non-polymer 'BACTERIOCHLOROPHYLL A' 'C55 H74 Mg N4 O6'
BPH non-polymer 'BACTERIOPHEOPHYTIN A' 'C55 H76 N4 O6'
FE non-polymer 'FE (III) ION' 'Fe 3'
LDA non-polymer 'LAURYL DIMETHYLAMINE-N-OXIDE' 'C14 H31 N O'
PO4 non-polymer 'PHOSPHATE ION' 'O4 P -3'
SPN non-polymer SPEROIDENONE 'C41 H70 O2'
U10 non-polymer UBIQUINONE-10 'C59 H90 O4'
#
# COMPACT_ATOMS: atom_id res chain seq x y z
N ASP A 11 -30.89 -0.57 21.95
CA ASP A 11 -29.46 -0.25 22.34
C ASP A 11 -28.62 0.54 21.27
N LEU A 12 -28.13 1.71 21.66
CA LEU A 12 -27.38 2.56 20.76
C LEU A 12 -26.22 1.87 20.00
N ALA A 13 -25.38 1.10 20.67
CA ALA A 13 -24.24 0.46 19.98
C ALA A 13 -24.67 -0.59 18.96
N SER A 14 -25.77 -1.29 19.25
CA SER A 14 -26.44 -2.18 18.30
C SER A 14 -26.92 -1.47 17.04
N LEU A 15 -27.53 -0.31 17.23
CA LEU A 15 -28.00 0.53 16.16
C LEU A 15 -26.79 0.87 15.26
N ALA A 16 -25.70 1.28 15.91
CA ALA A 16 -24.56 1.82 15.19
C ALA A 16 -23.93 0.71 14.35
N ILE A 17 -23.92 -0.53 14.88
CA ILE A 17 -23.23 -1.59 14.17
C ILE A 17 -24.09 -2.11 13.00
N TYR A 18 -25.38 -2.06 13.21
CA TYR A 18 -26.33 -2.53 12.22
C TYR A 18 -26.28 -1.52 11.02
N SER A 19 -26.32 -0.23 11.34
CA SER A 19 -26.17 0.84 10.37
C SER A 19 -24.87 0.72 9.62
N PHE A 20 -23.78 0.49 10.36
CA PHE A 20 -22.51 0.40 9.75
C PHE A 20 -22.41 -0.74 8.70
N TRP A 21 -23.02 -1.89 8.96
CA TRP A 21 -22.90 -2.98 8.01
C TRP A 21 -23.67 -2.61 6.74
N ILE A 22 -24.74 -1.86 6.93
CA ILE A 22 -25.55 -1.43 5.81
C ILE A 22 -24.77 -0.37 5.02
N PHE A 23 -24.12 0.56 5.72
CA PHE A 23 -23.30 1.49 5.03
C PHE A 23 -22.19 0.73 4.22
N LEU A 24 -21.51 -0.21 4.86
CA LEU A 24 -20.43 -0.91 4.20
C LEU A 24 -20.89 -1.64 2.94
N ALA A 25 -22.02 -2.33 3.00
CA ALA A 25 -22.63 -2.96 1.81
C ALA A 25 -22.79 -1.95 0.64
N GLY A 26 -23.41 -0.80 0.92
CA GLY A 26 -23.49 0.30 -0.04
C GLY A 26 -22.15 0.86 -0.56
N LEU A 27 -21.16 0.98 0.32
CA LEU A 27 -19.89 1.45 -0.09
C LEU A 27 -19.28 0.46 -1.07
N ILE A 28 -19.39 -0.82 -0.75
CA ILE A 28 -18.76 -1.83 -1.60
C ILE A 28 -19.42 -1.87 -2.97
N TYR A 29 -20.72 -1.70 -2.96
CA TYR A 29 -21.47 -1.62 -4.20
C TYR A 29 -21.02 -0.38 -5.01
N TYR A 30 -21.08 0.77 -4.37
CA TYR A 30 -20.56 1.98 -4.99
C TYR A 30 -19.15 1.79 -5.57
N LEU A 31 -18.26 1.15 -4.83
CA LEU A 31 -16.85 1.08 -5.23
C LEU A 31 -16.68 0.10 -6.38
N GLN A 32 -17.42 -1.01 -6.34
CA GLN A 32 -17.23 -1.96 -7.39
C GLN A 32 -17.77 -1.36 -8.70
N THR A 33 -18.95 -0.74 -8.65
CA THR A 33 -19.48 -0.05 -9.85
C THR A 33 -18.52 1.06 -10.33
N GLU A 34 -17.85 1.78 -9.41
CA GLU A 34 -16.82 2.78 -9.84
C GLU A 34 -15.71 2.12 -10.60
N ASN A 35 -15.39 0.90 -10.19
CA ASN A 35 -14.32 0.13 -10.85
C ASN A 35 -14.75 -0.61 -12.13
N MET A 36 -15.94 -0.28 -12.61
CA MET A 36 -16.39 -0.89 -13.86
C MET A 36 -16.41 0.15 -15.00
N ARG A 37 -15.66 1.24 -14.83
CA ARG A 37 -15.74 2.32 -15.78
C ARG A 37 -14.85 2.01 -16.99
N GLU A 38 -14.04 0.96 -16.91
CA GLU A 38 -13.19 0.50 -18.04
C GLU A 38 -13.40 -0.99 -18.21
N GLY A 39 -13.39 -1.45 -19.46
CA GLY A 39 -13.31 -2.88 -19.72
C GLY A 39 -14.66 -3.60 -19.78
N TYR A 40 -15.73 -2.92 -19.37
CA TYR A 40 -17.07 -3.48 -19.32
C TYR A 40 -17.90 -2.72 -20.34
N PRO A 41 -19.05 -3.33 -20.83
CA PRO A 41 -19.59 -4.71 -20.58
C PRO A 41 -18.60 -5.83 -20.92
N LEU A 42 -18.69 -6.94 -20.21
CA LEU A 42 -17.81 -8.10 -20.49
C LEU A 42 -18.21 -8.59 -21.88
N GLU A 43 -17.33 -9.37 -22.48
CA GLU A 43 -17.46 -9.80 -23.87
C GLU A 43 -17.16 -11.31 -23.99
N ASN A 44 -17.62 -11.95 -25.08
CA ASN A 44 -17.25 -13.33 -25.36
C ASN A 44 -15.94 -13.24 -26.09
N GLU A 45 -15.24 -14.35 -26.21
CA GLU A 45 -14.01 -14.36 -26.98
C GLU A 45 -14.04 -13.72 -28.39
N ASP A 46 -15.22 -13.63 -28.98
CA ASP A 46 -15.35 -13.12 -30.35
C ASP A 46 -15.80 -11.65 -30.32
N GLY A 47 -15.83 -11.04 -29.12
CA GLY A 47 -16.00 -9.59 -29.06
C GLY A 47 -17.41 -9.11 -28.93
N THR A 48 -18.39 -10.01 -28.94
CA THR A 48 -19.79 -9.61 -28.73
C THR A 48 -20.03 -9.57 -27.22
N PRO A 49 -21.11 -8.89 -26.78
CA PRO A 49 -21.50 -8.85 -25.35
C PRO A 49 -21.81 -10.21 -24.72
N ALA A 50 -21.16 -10.50 -23.61
CA ALA A 50 -21.46 -11.72 -22.90
C ALA A 50 -22.82 -11.62 -22.25
N ALA A 51 -23.48 -12.76 -22.15
CA ALA A 51 -24.84 -12.86 -21.59
C ALA A 51 -24.77 -12.52 -20.10
N ASN A 52 -23.73 -12.98 -19.42
CA ASN A 52 -23.69 -12.86 -17.96
C ASN A 52 -22.79 -11.68 -17.53
N GLN A 53 -23.42 -10.57 -17.15
CA GLN A 53 -22.71 -9.35 -16.79
C GLN A 53 -22.36 -9.28 -15.28
N GLY A 54 -22.84 -10.26 -14.51
CA GLY A 54 -22.76 -10.16 -13.04
C GLY A 54 -23.85 -9.27 -12.48
N PRO A 55 -23.86 -9.07 -11.17
CA PRO A 55 -24.99 -8.42 -10.50
C PRO A 55 -24.88 -6.89 -10.33
N PHE A 56 -23.70 -6.33 -10.60
CA PHE A 56 -23.47 -4.88 -10.52
C PHE A 56 -23.71 -4.26 -11.90
N PRO A 57 -24.60 -3.25 -11.99
CA PRO A 57 -24.81 -2.50 -13.25
C PRO A 57 -23.65 -1.51 -13.49
N LEU A 58 -23.48 -1.07 -14.74
CA LEU A 58 -22.55 0.00 -15.03
C LEU A 58 -22.96 1.29 -14.32
N PRO A 59 -21.98 2.07 -13.87
CA PRO A 59 -22.35 3.38 -13.30
C PRO A 59 -22.78 4.40 -14.34
N LYS A 60 -23.33 5.51 -13.87
CA LYS A 60 -23.55 6.67 -14.73
C LYS A 60 -22.21 7.23 -15.16
N PRO A 61 -22.12 7.65 -16.41
CA PRO A 61 -20.90 8.21 -17.02
C PRO A 61 -20.38 9.39 -16.23
N LYS A 62 -19.06 9.57 -16.22
CA LYS A 62 -18.51 10.77 -15.66
C LYS A 62 -17.66 11.28 -16.80
N THR A 63 -17.35 12.56 -16.76
CA THR A 63 -16.46 13.13 -17.80
C THR A 63 -15.22 13.82 -17.21
N PHE A 64 -14.04 13.39 -17.61
CA PHE A 64 -12.82 14.07 -17.21
C PHE A 64 -12.52 15.11 -18.29
N ILE A 65 -12.08 16.29 -17.84
CA ILE A 65 -11.69 17.37 -18.73
C ILE A 65 -10.20 17.36 -18.78
N LEU A 66 -9.66 17.10 -19.94
CA LEU A 66 -8.22 16.96 -20.11
C LEU A 66 -7.56 18.31 -20.29
N PRO A 67 -6.34 18.49 -19.77
CA PRO A 67 -5.74 19.83 -19.99
C PRO A 67 -5.16 20.01 -21.40
N HIS A 68 -4.73 21.25 -21.70
CA HIS A 68 -4.03 21.61 -22.96
C HIS A 68 -4.85 21.36 -24.21
N GLY A 69 -6.17 21.45 -24.11
CA GLY A 69 -7.03 21.30 -25.29
C GLY A 69 -7.11 19.87 -25.78
N ARG A 70 -6.74 18.92 -24.91
CA ARG A 70 -6.77 17.51 -25.31
C ARG A 70 -8.14 16.88 -25.27
N GLY A 71 -9.12 17.64 -24.84
CA GLY A 71 -10.47 17.22 -24.98
C GLY A 71 -10.97 16.60 -23.67
N THR A 72 -11.54 15.41 -23.79
CA THR A 72 -12.37 14.94 -22.74
C THR A 72 -12.36 13.40 -22.71
N LEU A 73 -12.68 12.78 -21.57
CA LEU A 73 -12.91 11.35 -21.56
C LEU A 73 -14.16 11.14 -20.79
N THR A 74 -15.04 10.31 -21.33
CA THR A 74 -16.30 9.96 -20.67
C THR A 74 -16.31 8.43 -20.49
N VAL A 75 -16.48 7.97 -19.24
CA VAL A 75 -16.48 6.52 -18.97
C VAL A 75 -17.55 6.24 -17.96
N PRO A 76 -18.23 5.10 -18.10
CA PRO A 76 -18.04 4.14 -19.21
C PRO A 76 -18.42 4.76 -20.55
N GLY A 77 -17.81 4.23 -21.61
CA GLY A 77 -18.19 4.55 -22.95
C GLY A 77 -17.94 3.36 -23.85
N PRO A 78 -18.31 3.48 -25.14
CA PRO A 78 -18.13 2.39 -26.13
C PRO A 78 -16.70 1.93 -26.09
N GLU A 79 -16.48 0.64 -25.92
CA GLU A 79 -15.12 0.09 -25.72
C GLU A 79 -14.66 -0.42 -27.06
N SER A 80 -13.40 -0.28 -27.42
CA SER A 80 -12.94 -0.87 -28.63
C SER A 80 -11.40 -0.84 -28.69
N GLU A 81 -10.81 -1.94 -29.18
CA GLU A 81 -9.39 -2.15 -29.17
C GLU A 81 -8.67 -1.16 -30.12
N ASP A 82 -9.35 -0.83 -31.24
CA ASP A 82 -8.91 0.05 -32.29
C ASP A 82 -7.63 -0.42 -32.90
N ARG A 83 -7.46 -1.73 -32.97
CA ARG A 83 -6.28 -2.28 -33.62
C ARG A 83 -6.59 -3.72 -33.89
N PRO A 84 -5.96 -4.30 -34.90
CA PRO A 84 -6.07 -5.74 -35.20
C PRO A 84 -5.34 -6.58 -34.13
N ILE A 85 -5.91 -7.73 -33.77
CA ILE A 85 -5.36 -8.63 -32.79
C ILE A 85 -5.08 -9.97 -33.44
N ALA A 86 -3.81 -10.27 -33.68
CA ALA A 86 -3.48 -11.42 -34.48
C ALA A 86 -3.36 -12.70 -33.62
N LEU A 87 -4.50 -13.18 -33.16
CA LEU A 87 -4.56 -14.38 -32.29
C LEU A 87 -5.69 -15.24 -32.84
N ALA A 88 -5.64 -16.55 -32.62
CA ALA A 88 -6.76 -17.47 -33.00
C ALA A 88 -7.02 -18.49 -31.93
N ARG A 89 -8.29 -18.87 -31.80
CA ARG A 89 -8.70 -19.92 -30.87
C ARG A 89 -7.91 -21.19 -31.09
N THR A 90 -7.53 -21.83 -30.00
CA THR A 90 -6.93 -23.15 -30.02
C THR A 90 -7.93 -24.27 -29.58
N ALA A 91 -9.19 -23.97 -29.32
CA ALA A 91 -10.08 -24.99 -28.78
C ALA A 91 -11.46 -24.63 -29.28
N VAL A 92 -12.42 -25.55 -29.13
CA VAL A 92 -13.76 -25.31 -29.63
C VAL A 92 -14.71 -24.78 -28.57
N SER A 93 -14.23 -24.61 -27.34
CA SER A 93 -15.05 -23.97 -26.32
C SER A 93 -14.28 -22.83 -25.60
N GLU A 94 -15.03 -22.00 -24.84
CA GLU A 94 -14.54 -20.86 -24.04
C GLU A 94 -13.43 -21.26 -23.07
N GLY A 95 -12.43 -20.40 -22.87
CA GLY A 95 -11.59 -20.46 -21.66
C GLY A 95 -10.21 -20.98 -21.94
N PHE A 96 -9.88 -21.15 -23.22
CA PHE A 96 -8.55 -21.64 -23.55
C PHE A 96 -7.69 -20.53 -24.15
N PRO A 97 -6.38 -20.74 -24.16
CA PRO A 97 -5.50 -19.76 -24.81
C PRO A 97 -5.82 -19.51 -26.28
N HIS A 98 -5.28 -18.39 -26.79
CA HIS A 98 -5.41 -17.98 -28.16
C HIS A 98 -4.03 -17.86 -28.71
N ALA A 99 -3.76 -18.64 -29.75
CA ALA A 99 -2.42 -18.73 -30.32
C ALA A 99 -2.16 -17.58 -31.31
N PRO A 100 -0.98 -16.97 -31.19
CA PRO A 100 -0.49 -16.01 -32.16
C PRO A 100 -0.57 -16.58 -33.57
N THR A 101 -1.01 -15.77 -34.52
CA THR A 101 -1.10 -16.18 -35.91
C THR A 101 0.15 -15.85 -36.68
N GLY A 102 1.01 -14.96 -36.14
CA GLY A 102 2.31 -14.68 -36.77
C GLY A 102 3.42 -14.61 -35.72
N ASP A 103 4.22 -13.56 -35.77
CA ASP A 103 5.25 -13.36 -34.75
C ASP A 103 4.63 -12.47 -33.65
N PRO A 104 4.46 -13.01 -32.41
CA PRO A 104 3.71 -12.24 -31.39
C PRO A 104 4.43 -10.95 -30.92
N MET A 105 5.76 -10.96 -30.98
CA MET A 105 6.54 -9.70 -30.75
C MET A 105 6.18 -8.62 -31.77
N LYS A 106 6.25 -8.93 -33.07
CA LYS A 106 5.87 -7.99 -34.16
C LYS A 106 4.41 -7.67 -34.14
N ASP A 107 3.56 -8.64 -33.84
CA ASP A 107 2.11 -8.35 -33.87
C ASP A 107 1.61 -7.73 -32.59
N GLY A 108 2.49 -7.65 -31.58
CA GLY A 108 2.08 -6.99 -30.30
C GLY A 108 0.91 -7.68 -29.61
N VAL A 109 1.03 -8.98 -29.32
CA VAL A 109 0.02 -9.68 -28.51
C VAL A 109 0.68 -10.44 -27.40
N GLY A 110 -0.13 -11.05 -26.52
CA GLY A 110 0.45 -11.74 -25.35
C GLY A 110 1.27 -10.74 -24.50
N PRO A 111 2.37 -11.18 -23.90
CA PRO A 111 3.06 -10.22 -23.04
C PRO A 111 3.80 -9.13 -23.88
N ALA A 112 3.77 -9.24 -25.22
CA ALA A 112 4.22 -8.13 -26.10
C ALA A 112 3.09 -7.12 -26.44
N SER A 113 1.91 -7.20 -25.81
CA SER A 113 0.77 -6.35 -26.21
C SER A 113 1.04 -4.84 -25.99
N TRP A 114 0.31 -4.00 -26.73
CA TRP A 114 0.33 -2.57 -26.51
C TRP A 114 -1.09 -2.09 -26.67
N VAL A 115 -1.43 -0.94 -26.07
CA VAL A 115 -2.74 -0.40 -26.33
C VAL A 115 -2.69 0.81 -27.20
N ALA A 116 -3.78 1.05 -27.93
CA ALA A 116 -3.85 2.19 -28.86
C ALA A 116 -4.05 3.45 -28.08
N ARG A 117 -3.06 3.78 -27.26
CA ARG A 117 -3.06 5.07 -26.58
C ARG A 117 -3.00 6.22 -27.64
N ARG A 118 -3.36 7.44 -27.25
CA ARG A 118 -3.15 8.56 -28.17
C ARG A 118 -1.74 8.70 -28.63
N ASP A 119 -1.61 8.95 -29.92
CA ASP A 119 -0.37 9.23 -30.61
C ASP A 119 0.04 10.72 -30.47
N LEU A 120 -0.01 11.21 -29.22
CA LEU A 120 0.60 12.44 -28.77
C LEU A 120 1.43 12.17 -27.51
N PRO A 121 2.37 13.07 -27.19
CA PRO A 121 3.25 12.82 -26.02
C PRO A 121 2.52 13.27 -24.77
N GLU A 122 2.83 12.65 -23.64
CA GLU A 122 2.28 13.17 -22.39
C GLU A 122 2.91 14.57 -22.14
N LEU A 123 2.16 15.47 -21.55
CA LEU A 123 2.59 16.84 -21.32
C LEU A 123 2.67 17.13 -19.82
N ASP A 124 3.55 18.06 -19.41
CA ASP A 124 3.62 18.41 -18.01
C ASP A 124 2.59 19.47 -17.74
N GLY A 125 2.55 19.99 -16.51
CA GLY A 125 1.50 20.94 -16.14
C GLY A 125 1.66 22.29 -16.88
N HIS A 126 2.84 22.49 -17.45
CA HIS A 126 3.07 23.67 -18.24
C HIS A 126 2.71 23.47 -19.72
N GLY A 127 2.41 22.25 -20.15
CA GLY A 127 2.02 22.02 -21.53
C GLY A 127 3.24 21.69 -22.33
N HIS A 128 4.38 21.47 -21.69
CA HIS A 128 5.56 21.03 -22.42
C HIS A 128 5.61 19.48 -22.43
N ASN A 129 6.27 18.88 -23.42
CA ASN A 129 6.50 17.42 -23.42
C ASN A 129 7.12 16.93 -22.12
N LYS A 130 6.47 15.93 -21.53
CA LYS A 130 6.86 15.49 -20.21
C LYS A 130 8.21 14.80 -20.24
N ILE A 131 8.45 14.02 -21.27
CA ILE A 131 9.69 13.27 -21.39
C ILE A 131 10.55 13.81 -22.55
N LYS A 132 11.85 14.04 -22.35
CA LYS A 132 12.77 14.58 -23.42
C LYS A 132 14.06 13.88 -23.32
N PRO A 133 14.77 13.72 -24.44
CA PRO A 133 16.18 13.27 -24.32
C PRO A 133 16.95 14.29 -23.49
N MET A 134 17.91 13.86 -22.70
CA MET A 134 18.49 14.74 -21.69
C MET A 134 19.26 15.91 -22.38
N LYS A 135 19.86 15.60 -23.53
CA LYS A 135 20.58 16.64 -24.30
C LYS A 135 19.67 17.80 -24.67
N ALA A 136 18.36 17.64 -24.61
CA ALA A 136 17.45 18.73 -24.97
C ALA A 136 16.78 19.18 -23.73
N ALA A 137 17.24 18.66 -22.60
CA ALA A 137 16.63 19.07 -21.33
C ALA A 137 17.61 19.98 -20.56
N ALA A 138 17.24 21.26 -20.64
CA ALA A 138 18.04 22.36 -20.10
C ALA A 138 18.27 22.18 -18.63
N GLY A 139 19.54 21.94 -18.28
CA GLY A 139 19.90 21.99 -16.86
C GLY A 139 19.97 20.61 -16.28
N PHE A 140 19.52 19.61 -17.05
CA PHE A 140 19.42 18.24 -16.58
C PHE A 140 20.71 17.52 -16.81
N HIS A 141 21.14 16.74 -15.80
CA HIS A 141 22.34 15.90 -15.90
C HIS A 141 22.17 14.76 -14.90
N VAL A 142 22.96 13.73 -15.06
CA VAL A 142 23.14 12.77 -14.02
C VAL A 142 23.70 13.39 -12.74
N SER A 143 23.05 13.09 -11.63
CA SER A 143 23.41 13.59 -10.34
C SER A 143 23.90 12.51 -9.35
N ALA A 144 23.90 11.23 -9.71
CA ALA A 144 24.29 10.14 -8.77
C ALA A 144 24.12 8.81 -9.51
N GLY A 145 25.00 7.86 -9.20
CA GLY A 145 24.98 6.55 -9.75
C GLY A 145 25.79 6.54 -11.00
N LYS A 146 26.02 5.37 -11.54
CA LYS A 146 26.76 5.26 -12.76
C LYS A 146 25.98 5.91 -13.94
N ASN A 147 26.68 6.79 -14.66
CA ASN A 147 26.15 7.40 -15.85
C ASN A 147 26.19 6.36 -16.97
N PRO A 148 25.02 5.92 -17.48
CA PRO A 148 25.13 4.82 -18.48
C PRO A 148 25.55 5.34 -19.87
N ILE A 149 25.44 6.65 -20.09
CA ILE A 149 25.69 7.21 -21.45
C ILE A 149 27.08 6.80 -21.92
N GLY A 150 27.15 6.10 -23.05
CA GLY A 150 28.45 5.62 -23.55
C GLY A 150 28.72 4.14 -23.35
N LEU A 151 27.97 3.49 -22.47
CA LEU A 151 28.14 2.06 -22.24
C LEU A 151 27.65 1.19 -23.40
N PRO A 152 28.38 0.10 -23.68
CA PRO A 152 27.79 -0.87 -24.60
C PRO A 152 26.56 -1.54 -23.98
N VAL A 153 25.66 -1.97 -24.87
CA VAL A 153 24.43 -2.59 -24.47
C VAL A 153 24.43 -4.07 -24.91
N ARG A 154 24.22 -4.93 -23.91
CA ARG A 154 24.32 -6.38 -24.09
C ARG A 154 22.94 -6.95 -23.92
N GLY A 155 22.58 -7.86 -24.84
CA GLY A 155 21.33 -8.60 -24.76
C GLY A 155 21.54 -9.94 -24.08
N CYS A 156 20.43 -10.67 -23.87
CA CYS A 156 20.47 -11.90 -23.08
C CYS A 156 21.25 -12.98 -23.81
N ASP A 157 21.53 -12.79 -25.10
CA ASP A 157 22.48 -13.69 -25.73
C ASP A 157 23.95 -13.37 -25.42
N LEU A 158 24.21 -12.41 -24.53
CA LEU A 158 25.58 -12.03 -24.17
C LEU A 158 26.34 -11.41 -25.35
N GLU A 159 25.58 -10.96 -26.35
CA GLU A 159 26.09 -10.29 -27.57
C GLU A 159 25.80 -8.74 -27.48
N ILE A 160 26.71 -7.90 -27.99
CA ILE A 160 26.52 -6.44 -27.85
C ILE A 160 25.52 -5.97 -28.91
N ALA A 161 24.51 -5.23 -28.48
CA ALA A 161 23.44 -4.83 -29.38
C ALA A 161 23.56 -3.37 -29.84
N GLY A 162 24.43 -2.60 -29.17
CA GLY A 162 24.51 -1.15 -29.42
C GLY A 162 25.14 -0.42 -28.24
N LYS A 163 24.91 0.89 -28.18
CA LYS A 163 25.58 1.73 -27.20
C LYS A 163 24.63 2.83 -26.78
N VAL A 164 24.67 3.18 -25.51
CA VAL A 164 23.76 4.16 -24.99
C VAL A 164 24.26 5.55 -25.45
N VAL A 165 23.37 6.34 -26.02
CA VAL A 165 23.75 7.66 -26.51
C VAL A 165 23.01 8.76 -25.79
N ASP A 166 22.03 8.42 -24.94
CA ASP A 166 21.43 9.44 -24.07
C ASP A 166 20.47 8.80 -23.05
N ILE A 167 19.95 9.60 -22.15
CA ILE A 167 18.93 9.17 -21.23
C ILE A 167 17.69 10.02 -21.51
N TRP A 168 16.49 9.42 -21.67
CA TRP A 168 15.31 10.25 -21.77
C TRP A 168 14.73 10.43 -20.37
N VAL A 169 14.46 11.67 -20.00
CA VAL A 169 14.18 11.98 -18.63
C VAL A 169 12.81 12.58 -18.54
N ASP A 170 12.20 12.41 -17.38
CA ASP A 170 10.91 13.00 -17.10
C ASP A 170 11.24 14.39 -16.49
N ILE A 171 10.86 15.46 -17.16
CA ILE A 171 11.25 16.76 -16.67
C ILE A 171 10.55 17.13 -15.37
N PRO A 172 9.22 17.13 -15.36
CA PRO A 172 8.63 17.54 -14.08
C PRO A 172 8.91 16.61 -12.84
N GLU A 173 9.21 15.33 -13.04
CA GLU A 173 9.40 14.43 -11.92
C GLU A 173 10.86 14.07 -11.73
N GLN A 174 11.70 14.61 -12.60
CA GLN A 174 13.14 14.48 -12.47
C GLN A 174 13.54 13.06 -12.31
N MET A 175 13.26 12.25 -13.32
CA MET A 175 13.71 10.87 -13.27
C MET A 175 14.06 10.27 -14.63
N ALA A 176 14.90 9.26 -14.66
CA ALA A 176 15.23 8.58 -15.87
C ALA A 176 14.12 7.61 -16.33
N ARG A 177 13.65 7.76 -17.57
CA ARG A 177 12.54 6.92 -18.09
C ARG A 177 13.02 5.93 -19.13
N PHE A 178 13.89 6.35 -20.04
CA PHE A 178 14.44 5.41 -21.04
C PHE A 178 15.91 5.66 -21.20
N LEU A 179 16.61 4.63 -21.69
CA LEU A 179 17.91 4.81 -22.36
C LEU A 179 17.69 4.76 -23.87
N GLU A 180 18.32 5.72 -24.57
CA GLU A 180 18.35 5.73 -26.01
C GLU A 180 19.56 5.03 -26.45
N VAL A 181 19.36 3.99 -27.26
CA VAL A 181 20.46 3.10 -27.58
C VAL A 181 20.68 3.12 -29.08
N GLU A 182 21.91 3.34 -29.48
CA GLU A 182 22.19 3.37 -30.92
C GLU A 182 22.54 1.98 -31.42
N LEU A 183 21.97 1.59 -32.56
CA LEU A 183 22.25 0.27 -33.13
C LEU A 183 23.40 0.29 -34.15
N LYS A 184 23.73 -0.88 -34.68
CA LYS A 184 24.82 -1.01 -35.62
C LYS A 184 24.61 -0.20 -36.88
N ASP A 185 23.35 -0.02 -37.28
CA ASP A 185 23.04 0.75 -38.47
C ASP A 185 22.98 2.27 -38.22
N GLY A 186 23.31 2.68 -37.01
CA GLY A 186 23.30 4.09 -36.65
C GLY A 186 21.95 4.68 -36.32
N SER A 187 20.88 3.91 -36.46
CA SER A 187 19.60 4.39 -35.86
C SER A 187 19.55 4.05 -34.35
N THR A 188 18.60 4.65 -33.64
CA THR A 188 18.44 4.40 -32.22
C THR A 188 17.08 3.82 -31.82
N ARG A 189 17.04 3.25 -30.61
CA ARG A 189 15.80 2.72 -30.01
C ARG A 189 15.76 3.20 -28.56
N LEU A 190 14.55 3.35 -28.05
CA LEU A 190 14.37 3.53 -26.63
C LEU A 190 14.17 2.22 -25.89
N LEU A 191 14.72 2.16 -24.70
CA LEU A 191 14.62 1.00 -23.85
C LEU A 191 14.12 1.47 -22.52
N PRO A 192 13.05 0.83 -21.99
CA PRO A 192 12.53 1.26 -20.67
C PRO A 192 13.56 1.10 -19.55
N MET A 193 13.65 2.12 -18.72
CA MET A 193 14.67 2.18 -17.67
C MET A 193 14.48 0.99 -16.70
N GLN A 194 13.24 0.51 -16.54
CA GLN A 194 12.92 -0.60 -15.62
C GLN A 194 13.32 -1.94 -16.20
N MET A 195 13.81 -1.97 -17.43
CA MET A 195 14.15 -3.23 -18.05
C MET A 195 15.62 -3.35 -18.38
N VAL A 196 16.44 -2.48 -17.79
CA VAL A 196 17.86 -2.57 -18.05
C VAL A 196 18.59 -2.64 -16.75
N LYS A 197 19.74 -3.29 -16.78
CA LYS A 197 20.60 -3.30 -15.64
C LYS A 197 21.89 -2.52 -15.98
N VAL A 198 22.05 -1.37 -15.34
CA VAL A 198 23.26 -0.59 -15.49
C VAL A 198 24.39 -1.18 -14.64
N GLN A 199 25.46 -1.62 -15.28
CA GLN A 199 26.64 -2.16 -14.56
C GLN A 199 27.87 -1.26 -14.81
N SER A 200 29.03 -1.63 -14.28
CA SER A 200 30.11 -0.65 -14.34
C SER A 200 30.72 -0.56 -15.74
N ASN A 201 30.59 -1.62 -16.52
CA ASN A 201 31.20 -1.72 -17.85
C ASN A 201 30.15 -1.91 -18.97
N ARG A 202 28.86 -1.81 -18.67
CA ARG A 202 27.87 -2.46 -19.53
C ARG A 202 26.48 -2.03 -19.10
N VAL A 203 25.55 -1.98 -20.07
CA VAL A 203 24.14 -2.05 -19.71
C VAL A 203 23.62 -3.39 -20.20
N HIS A 204 23.05 -4.16 -19.29
CA HIS A 204 22.57 -5.46 -19.66
C HIS A 204 21.03 -5.53 -19.73
N VAL A 205 20.57 -6.20 -20.81
CA VAL A 205 19.15 -6.29 -21.09
C VAL A 205 18.76 -7.75 -21.20
N ASN A 206 18.20 -8.24 -20.11
CA ASN A 206 17.72 -9.58 -19.99
C ASN A 206 16.58 -9.97 -20.99
N ALA A 207 15.67 -9.05 -21.32
CA ALA A 207 14.45 -9.38 -22.07
C ALA A 207 14.70 -9.63 -23.56
N LEU A 208 15.79 -9.08 -24.10
CA LEU A 208 15.97 -9.15 -25.53
C LEU A 208 17.32 -9.70 -25.85
N SER A 209 17.34 -10.52 -26.86
CA SER A 209 18.59 -10.94 -27.40
C SER A 209 18.98 -9.90 -28.45
N SER A 210 20.25 -9.88 -28.79
CA SER A 210 20.83 -8.83 -29.58
C SER A 210 20.13 -8.61 -30.91
N ASP A 211 19.82 -9.70 -31.61
CA ASP A 211 19.06 -9.64 -32.87
C ASP A 211 17.61 -9.09 -32.80
N LEU A 212 17.11 -8.84 -31.60
CA LEU A 212 15.73 -8.41 -31.48
C LEU A 212 15.70 -6.92 -31.28
N PHE A 213 16.89 -6.34 -31.15
CA PHE A 213 16.93 -4.91 -30.90
C PHE A 213 16.39 -4.11 -32.06
N ALA A 214 16.69 -4.56 -33.29
CA ALA A 214 16.24 -3.82 -34.50
C ALA A 214 14.73 -3.77 -34.62
N GLY A 215 14.06 -4.82 -34.10
CA GLY A 215 12.59 -4.91 -34.07
C GLY A 215 11.95 -4.07 -33.00
N ILE A 216 12.68 -3.52 -32.06
CA ILE A 216 12.00 -2.52 -31.18
C ILE A 216 11.27 -1.39 -31.93
N PRO A 217 10.01 -1.11 -31.61
CA PRO A 217 9.30 -0.09 -32.40
C PRO A 217 9.96 1.29 -32.34
N THR A 218 9.95 2.03 -33.44
CA THR A 218 10.79 3.22 -33.54
C THR A 218 9.91 4.40 -33.28
N ILE A 219 10.50 5.54 -32.89
CA ILE A 219 9.65 6.72 -32.65
C ILE A 219 9.71 7.63 -33.90
N LYS A 220 8.66 8.37 -34.17
CA LYS A 220 8.60 9.02 -35.49
C LYS A 220 9.33 10.36 -35.49
N SER A 221 9.48 10.96 -34.33
CA SER A 221 10.24 12.18 -34.24
C SER A 221 11.33 12.06 -33.16
N PRO A 222 12.56 12.52 -33.44
CA PRO A 222 13.71 12.02 -32.66
C PRO A 222 13.83 12.60 -31.27
N THR A 223 12.97 13.55 -30.92
CA THR A 223 13.14 14.26 -29.68
C THR A 223 11.85 14.25 -28.87
N GLU A 224 10.91 13.38 -29.25
CA GLU A 224 9.71 13.17 -28.41
C GLU A 224 9.21 11.75 -28.64
N VAL A 225 8.42 11.25 -27.68
CA VAL A 225 7.80 9.94 -27.80
C VAL A 225 6.34 10.15 -27.47
N THR A 226 5.46 9.49 -28.19
CA THR A 226 4.05 9.59 -27.88
C THR A 226 3.63 8.41 -26.94
N LEU A 227 2.49 8.56 -26.29
CA LEU A 227 1.91 7.48 -25.46
C LEU A 227 1.79 6.15 -26.27
N LEU A 228 1.35 6.25 -27.51
CA LEU A 228 1.27 5.09 -28.37
C LEU A 228 2.63 4.44 -28.57
N GLU A 229 3.63 5.27 -28.88
CA GLU A 229 4.97 4.74 -29.06
C GLU A 229 5.53 4.13 -27.74
N GLU A 230 5.27 4.77 -26.62
CA GLU A 230 5.83 4.23 -25.37
C GLU A 230 5.26 2.82 -25.16
N ASP A 231 3.97 2.66 -25.45
CA ASP A 231 3.29 1.39 -25.21
C ASP A 231 3.82 0.35 -26.11
N LYS A 232 4.07 0.68 -27.37
CA LYS A 232 4.64 -0.29 -28.29
C LYS A 232 6.04 -0.73 -27.91
N ILE A 233 6.85 0.25 -27.51
CA ILE A 233 8.20 -0.03 -27.06
C ILE A 233 8.15 -0.87 -25.77
N CYS A 234 7.40 -0.40 -24.78
CA CYS A 234 7.39 -1.13 -23.48
C CYS A 234 6.81 -2.56 -23.63
N GLY A 235 5.71 -2.67 -24.39
CA GLY A 235 5.11 -3.98 -24.69
C GLY A 235 6.10 -4.92 -25.32
N TYR A 236 6.78 -4.41 -26.34
CA TYR A 236 7.67 -5.20 -27.12
C TYR A 236 8.82 -5.71 -26.25
N VAL A 237 9.46 -4.82 -25.46
CA VAL A 237 10.56 -5.33 -24.66
C VAL A 237 10.15 -6.31 -23.55
N ALA A 238 9.02 -6.03 -22.90
CA ALA A 238 8.51 -6.95 -21.88
C ALA A 238 8.17 -8.28 -22.54
N GLY A 239 7.66 -8.24 -23.79
CA GLY A 239 7.38 -9.48 -24.52
C GLY A 239 8.58 -10.39 -24.71
N GLY A 240 9.78 -9.83 -24.82
CA GLY A 240 10.96 -10.69 -24.99
C GLY A 240 11.15 -11.67 -23.80
N LEU A 241 10.71 -11.30 -22.61
CA LEU A 241 10.84 -12.27 -21.49
C LEU A 241 10.26 -13.64 -21.86
N MET A 242 9.06 -13.66 -22.42
CA MET A 242 8.54 -14.92 -22.91
C MET A 242 9.09 -15.30 -24.31
N TYR A 243 9.16 -14.38 -25.25
CA TYR A 243 9.34 -14.83 -26.62
C TYR A 243 10.78 -14.84 -27.11
N ALA A 244 11.68 -14.20 -26.38
CA ALA A 244 13.07 -14.24 -26.78
C ALA A 244 13.63 -15.60 -26.36
N ALA A 245 13.23 -16.03 -25.15
CA ALA A 245 13.61 -17.29 -24.40
C ALA A 245 14.40 -18.46 -25.05
N PRO A 246 14.01 -18.90 -26.28
CA PRO A 246 14.97 -19.69 -27.10
C PRO A 246 16.44 -19.19 -27.05
N LYS A 247 16.66 -17.87 -26.94
CA LYS A 247 18.02 -17.26 -26.84
C LYS A 247 18.31 -16.49 -25.52
N ARG A 248 17.90 -17.05 -24.38
CA ARG A 248 18.37 -16.60 -23.07
C ARG A 248 19.10 -17.73 -22.35
N LYS A 249 20.34 -17.48 -21.94
CA LYS A 249 21.04 -18.36 -20.97
C LYS A 249 21.64 -17.54 -19.81
N SER A 250 21.21 -17.89 -18.59
CA SER A 250 21.77 -17.32 -17.36
C SER A 250 22.93 -18.19 -16.80
N VAL A 251 23.39 -19.13 -17.47
N ALA B 1 -17.70 -12.89 -20.07
CA ALA B 1 -16.51 -13.60 -19.59
C ALA B 1 -15.10 -13.00 -19.82
N LEU B 2 -14.89 -12.12 -20.82
CA LEU B 2 -13.63 -11.33 -20.88
C LEU B 2 -13.87 -9.85 -20.71
N LEU B 3 -12.96 -9.17 -20.02
CA LEU B 3 -12.91 -7.70 -20.12
C LEU B 3 -12.76 -7.29 -21.62
N SER B 4 -13.20 -6.08 -21.94
CA SER B 4 -13.16 -5.66 -23.38
C SER B 4 -11.74 -5.74 -23.98
N PHE B 5 -10.69 -5.68 -23.15
CA PHE B 5 -9.33 -5.52 -23.66
C PHE B 5 -8.54 -6.78 -23.43
N GLU B 6 -9.24 -7.76 -22.87
CA GLU B 6 -8.58 -8.93 -22.31
C GLU B 6 -8.02 -9.94 -23.32
N ARG B 7 -8.69 -10.13 -24.45
CA ARG B 7 -8.31 -11.24 -25.31
C ARG B 7 -6.85 -11.30 -25.72
N LYS B 8 -6.29 -10.16 -26.11
CA LYS B 8 -4.93 -10.18 -26.65
C LYS B 8 -3.93 -10.71 -25.62
N TYR B 9 -4.27 -10.65 -24.33
CA TYR B 9 -3.32 -11.15 -23.34
C TYR B 9 -3.42 -12.65 -23.07
N ARG B 10 -4.50 -13.31 -23.53
CA ARG B 10 -4.72 -14.72 -23.16
C ARG B 10 -4.02 -15.64 -24.14
N VAL B 11 -2.70 -15.63 -24.13
CA VAL B 11 -1.95 -16.44 -25.03
C VAL B 11 -1.45 -17.65 -24.25
N PRO B 12 -0.94 -18.70 -24.94
CA PRO B 12 -0.30 -19.82 -24.17
C PRO B 12 1.02 -19.36 -23.56
N GLY B 13 1.48 -20.06 -22.52
CA GLY B 13 2.82 -19.83 -21.96
C GLY B 13 2.78 -19.24 -20.56
N GLY B 14 3.94 -19.24 -19.91
CA GLY B 14 4.14 -18.79 -18.56
C GLY B 14 4.16 -19.87 -17.49
N THR B 15 3.64 -21.08 -17.77
CA THR B 15 3.36 -22.04 -16.71
C THR B 15 4.68 -22.53 -16.13
N LEU B 16 4.72 -22.88 -14.84
CA LEU B 16 5.99 -23.34 -14.25
C LEU B 16 6.11 -24.86 -14.26
N VAL B 17 4.97 -25.56 -14.32
CA VAL B 17 4.88 -27.01 -14.18
C VAL B 17 3.71 -27.39 -15.07
N GLY B 18 3.84 -28.49 -15.82
CA GLY B 18 2.73 -29.07 -16.59
C GLY B 18 2.63 -28.74 -18.08
N GLY B 19 3.58 -27.96 -18.63
CA GLY B 19 3.39 -27.29 -19.91
C GLY B 19 1.98 -26.71 -20.14
N ASN B 20 1.27 -27.26 -21.11
CA ASN B 20 -0.01 -26.72 -21.53
C ASN B 20 -1.19 -27.35 -20.83
N LEU B 21 -0.92 -28.35 -19.98
CA LEU B 21 -1.98 -29.18 -19.42
C LEU B 21 -3.08 -28.40 -18.67
N PHE B 22 -2.65 -27.48 -17.81
CA PHE B 22 -3.65 -26.72 -17.03
C PHE B 22 -3.72 -25.23 -17.45
N ASP B 23 -3.20 -24.94 -18.63
CA ASP B 23 -3.10 -23.59 -19.16
C ASP B 23 -4.44 -23.12 -19.69
N PHE B 24 -5.35 -22.73 -18.80
CA PHE B 24 -6.64 -22.29 -19.28
C PHE B 24 -7.36 -21.53 -18.17
N TRP B 25 -8.55 -20.99 -18.44
CA TRP B 25 -9.26 -20.19 -17.46
C TRP B 25 -10.62 -20.85 -17.15
N VAL B 26 -11.20 -20.49 -16.01
CA VAL B 26 -12.59 -20.81 -15.74
C VAL B 26 -13.29 -19.48 -15.45
N GLY B 27 -14.15 -19.02 -16.36
CA GLY B 27 -14.64 -17.66 -16.24
C GLY B 27 -13.41 -16.75 -16.17
N PRO B 28 -13.35 -15.85 -15.16
CA PRO B 28 -12.23 -14.90 -15.04
C PRO B 28 -10.93 -15.55 -14.56
N PHE B 29 -11.06 -16.67 -13.83
CA PHE B 29 -9.91 -17.25 -13.13
C PHE B 29 -8.91 -17.95 -14.02
N TYR B 30 -7.65 -17.62 -13.89
CA TYR B 30 -6.66 -18.49 -14.48
C TYR B 30 -6.52 -19.74 -13.60
N VAL B 31 -6.18 -20.85 -14.23
CA VAL B 31 -6.06 -22.06 -13.45
C VAL B 31 -4.59 -22.41 -13.25
N GLY B 32 -3.96 -23.01 -14.25
CA GLY B 32 -2.60 -23.53 -14.05
C GLY B 32 -2.45 -24.68 -13.07
N PHE B 33 -1.28 -25.28 -12.99
CA PHE B 33 -1.08 -26.44 -12.10
C PHE B 33 -1.36 -26.03 -10.64
N PHE B 34 -0.88 -24.83 -10.33
CA PHE B 34 -1.01 -24.27 -9.00
C PHE B 34 -2.42 -23.79 -8.64
N GLY B 35 -3.25 -23.55 -9.65
CA GLY B 35 -4.70 -23.42 -9.39
C GLY B 35 -5.35 -24.74 -8.98
N VAL B 36 -4.98 -25.81 -9.68
CA VAL B 36 -5.37 -27.18 -9.25
C VAL B 36 -4.84 -27.49 -7.83
N ALA B 37 -3.58 -27.15 -7.55
CA ALA B 37 -3.04 -27.43 -6.24
C ALA B 37 -3.78 -26.63 -5.17
N THR B 38 -4.03 -25.34 -5.44
CA THR B 38 -4.77 -24.58 -4.44
C THR B 38 -6.18 -25.06 -4.25
N PHE B 39 -6.86 -25.47 -5.31
CA PHE B 39 -8.22 -25.99 -5.14
C PHE B 39 -8.22 -27.25 -4.24
N PHE B 40 -7.25 -28.13 -4.49
CA PHE B 40 -7.15 -29.37 -3.76
C PHE B 40 -6.92 -29.13 -2.26
N PHE B 41 -5.82 -28.43 -1.94
CA PHE B 41 -5.44 -28.07 -0.56
C PHE B 41 -6.58 -27.34 0.13
N ALA B 42 -7.21 -26.40 -0.56
CA ALA B 42 -8.24 -25.64 0.09
C ALA B 42 -9.48 -26.49 0.31
N ALA B 43 -9.85 -27.31 -0.67
CA ALA B 43 -11.09 -28.10 -0.55
C ALA B 43 -10.96 -29.10 0.60
N LEU B 44 -9.82 -29.79 0.65
CA LEU B 44 -9.48 -30.65 1.74
C LEU B 44 -9.51 -29.97 3.13
N GLY B 45 -8.81 -28.84 3.25
CA GLY B 45 -8.87 -28.05 4.45
C GLY B 45 -10.28 -27.68 4.87
N ILE B 46 -11.08 -27.17 3.95
CA ILE B 46 -12.43 -26.76 4.32
C ILE B 46 -13.25 -28.01 4.77
N ILE B 47 -13.10 -29.12 4.04
CA ILE B 47 -13.74 -30.37 4.40
C ILE B 47 -13.38 -30.81 5.84
N LEU B 48 -12.10 -30.74 6.17
CA LEU B 48 -11.63 -31.20 7.45
C LEU B 48 -12.09 -30.29 8.54
N ILE B 49 -12.37 -29.05 8.19
CA ILE B 49 -12.86 -28.08 9.14
C ILE B 49 -14.30 -28.43 9.41
N ALA B 50 -15.00 -28.80 8.34
CA ALA B 50 -16.41 -29.20 8.48
C ALA B 50 -16.47 -30.53 9.29
N TRP B 51 -15.53 -31.43 9.04
CA TRP B 51 -15.43 -32.64 9.84
C TRP B 51 -15.20 -32.28 11.31
N SER B 52 -14.04 -31.70 11.60
CA SER B 52 -13.78 -31.11 12.92
C SER B 52 -14.94 -30.34 13.53
N ALA B 53 -15.76 -29.72 12.71
CA ALA B 53 -16.91 -29.07 13.28
C ALA B 53 -17.73 -30.16 13.95
N VAL B 54 -18.05 -31.24 13.23
CA VAL B 54 -18.95 -32.26 13.78
C VAL B 54 -18.39 -32.93 15.07
N LEU B 55 -17.13 -33.35 15.03
CA LEU B 55 -16.43 -33.92 16.15
C LEU B 55 -16.45 -33.05 17.41
N GLN B 56 -16.90 -31.80 17.27
CA GLN B 56 -16.88 -30.81 18.36
C GLN B 56 -18.29 -30.39 18.78
N GLY B 57 -19.28 -30.50 17.90
CA GLY B 57 -20.61 -30.08 18.25
C GLY B 57 -21.38 -29.27 17.25
N THR B 58 -20.86 -28.10 16.83
CA THR B 58 -21.67 -27.06 16.10
C THR B 58 -21.51 -26.88 14.60
N TRP B 59 -22.51 -26.19 14.04
CA TRP B 59 -22.44 -25.50 12.75
C TRP B 59 -22.46 -23.95 12.86
N ASN B 60 -22.28 -23.41 14.07
CA ASN B 60 -22.22 -21.94 14.20
C ASN B 60 -20.80 -21.39 13.89
N PRO B 61 -20.69 -20.51 12.85
CA PRO B 61 -19.41 -19.87 12.46
C PRO B 61 -18.75 -19.17 13.65
N GLN B 62 -19.55 -18.54 14.48
CA GLN B 62 -19.05 -17.92 15.71
C GLN B 62 -18.61 -18.87 16.84
N LEU B 63 -18.70 -20.18 16.63
CA LEU B 63 -18.36 -21.20 17.62
C LEU B 63 -17.40 -22.21 17.08
N ILE B 64 -17.45 -22.49 15.77
CA ILE B 64 -16.54 -23.50 15.23
C ILE B 64 -15.11 -23.12 15.58
N SER B 65 -14.33 -24.04 16.13
CA SER B 65 -12.96 -23.67 16.46
C SER B 65 -12.14 -24.89 16.41
N VAL B 66 -10.99 -24.84 15.77
CA VAL B 66 -10.17 -26.03 15.63
C VAL B 66 -8.86 -25.83 16.39
N TYR B 67 -8.71 -26.54 17.51
CA TYR B 67 -7.60 -26.27 18.43
C TYR B 67 -6.43 -27.19 18.09
N PRO B 68 -5.19 -26.70 18.25
CA PRO B 68 -4.07 -27.57 17.96
C PRO B 68 -3.92 -28.58 19.10
N PRO B 69 -3.00 -29.56 18.94
CA PRO B 69 -2.70 -30.49 20.04
C PRO B 69 -2.45 -29.69 21.31
N ALA B 70 -2.99 -30.19 22.43
CA ALA B 70 -2.60 -29.72 23.78
C ALA B 70 -1.10 -29.85 23.99
N LEU B 71 -0.53 -28.99 24.83
CA LEU B 71 0.91 -29.02 25.06
C LEU B 71 1.54 -30.42 25.39
N GLU B 72 0.76 -31.26 26.12
CA GLU B 72 1.20 -32.65 26.48
C GLU B 72 1.80 -33.40 25.25
N TYR B 73 1.14 -33.27 24.09
CA TYR B 73 1.59 -33.91 22.84
C TYR B 73 2.95 -33.42 22.26
N GLY B 74 3.55 -32.37 22.83
CA GLY B 74 4.81 -31.80 22.26
C GLY B 74 4.70 -31.40 20.77
N LEU B 75 5.70 -31.83 20.00
CA LEU B 75 5.69 -31.78 18.53
C LEU B 75 5.23 -33.05 17.80
N GLY B 76 4.63 -34.02 18.48
CA GLY B 76 4.25 -35.26 17.79
C GLY B 76 2.89 -35.14 17.15
N GLY B 77 2.44 -36.14 16.42
CA GLY B 77 1.06 -36.19 15.95
C GLY B 77 0.06 -36.33 17.10
N ALA B 78 -1.22 -36.38 16.76
CA ALA B 78 -2.25 -36.36 17.76
C ALA B 78 -3.54 -36.97 17.21
N PRO B 79 -4.31 -37.65 18.08
CA PRO B 79 -5.56 -38.08 17.45
C PRO B 79 -6.29 -36.88 16.81
N LEU B 80 -6.99 -37.17 15.73
CA LEU B 80 -7.69 -36.23 14.94
C LEU B 80 -8.58 -35.30 15.76
N ALA B 81 -9.30 -35.86 16.74
CA ALA B 81 -10.35 -35.08 17.40
C ALA B 81 -9.72 -34.26 18.51
N LYS B 82 -8.42 -34.47 18.71
CA LYS B 82 -7.66 -33.88 19.80
C LYS B 82 -6.42 -33.14 19.30
N GLY B 83 -6.48 -32.60 18.09
CA GLY B 83 -5.36 -31.79 17.58
C GLY B 83 -4.81 -32.20 16.22
N GLY B 84 -5.24 -33.36 15.72
CA GLY B 84 -4.67 -33.89 14.50
C GLY B 84 -5.33 -33.23 13.28
N LEU B 85 -6.62 -32.98 13.37
CA LEU B 85 -7.30 -32.26 12.35
C LEU B 85 -6.62 -30.90 12.15
N TRP B 86 -6.27 -30.27 13.28
CA TRP B 86 -5.59 -29.00 13.25
C TRP B 86 -4.31 -29.10 12.45
N GLN B 87 -3.56 -30.15 12.70
CA GLN B 87 -2.24 -30.26 12.12
C GLN B 87 -2.38 -30.46 10.59
N ILE B 88 -3.40 -31.23 10.20
CA ILE B 88 -3.59 -31.55 8.81
C ILE B 88 -4.09 -30.26 8.12
N ILE B 89 -5.04 -29.58 8.77
CA ILE B 89 -5.61 -28.36 8.25
C ILE B 89 -4.52 -27.29 8.06
N THR B 90 -3.56 -27.24 8.98
CA THR B 90 -2.46 -26.33 8.87
C THR B 90 -1.62 -26.62 7.66
N ILE B 91 -1.44 -27.90 7.34
CA ILE B 91 -0.63 -28.26 6.19
C ILE B 91 -1.41 -27.86 4.91
N CYS B 92 -2.71 -28.11 4.92
CA CYS B 92 -3.51 -27.72 3.82
C CYS B 92 -3.40 -26.19 3.58
N ALA B 93 -3.56 -25.40 4.65
CA ALA B 93 -3.49 -23.95 4.62
C ALA B 93 -2.22 -23.38 3.95
N THR B 94 -1.06 -23.80 4.45
CA THR B 94 0.22 -23.48 3.88
C THR B 94 0.30 -23.95 2.46
N GLY B 95 -0.16 -25.16 2.19
CA GLY B 95 -0.10 -25.73 0.85
C GLY B 95 -0.91 -24.82 -0.07
N ALA B 96 -2.06 -24.33 0.43
CA ALA B 96 -2.92 -23.45 -0.36
C ALA B 96 -2.31 -22.08 -0.57
N PHE B 97 -1.64 -21.53 0.45
CA PHE B 97 -1.02 -20.19 0.36
C PHE B 97 0.13 -20.21 -0.64
N VAL B 98 1.02 -21.19 -0.53
CA VAL B 98 2.20 -21.31 -1.36
C VAL B 98 1.75 -21.61 -2.80
N SER B 99 0.83 -22.54 -2.95
CA SER B 99 0.24 -22.74 -4.25
C SER B 99 -0.32 -21.43 -4.86
N TRP B 100 -1.00 -20.60 -4.07
CA TRP B 100 -1.59 -19.37 -4.57
C TRP B 100 -0.47 -18.36 -5.01
N ALA B 101 0.64 -18.32 -4.27
CA ALA B 101 1.73 -17.47 -4.63
C ALA B 101 2.27 -17.95 -5.97
N LEU B 102 2.43 -19.27 -6.12
CA LEU B 102 3.16 -19.81 -7.26
C LEU B 102 2.27 -19.66 -8.51
N ARG B 103 0.96 -19.75 -8.30
CA ARG B 103 0.00 -19.48 -9.37
C ARG B 103 0.08 -17.96 -9.76
N GLU B 104 0.34 -17.09 -8.79
CA GLU B 104 0.50 -15.66 -9.05
C GLU B 104 1.76 -15.44 -9.92
N VAL B 105 2.81 -16.19 -9.62
CA VAL B 105 3.99 -16.19 -10.44
C VAL B 105 3.67 -16.61 -11.89
N GLU B 106 2.84 -17.64 -12.06
CA GLU B 106 2.50 -18.03 -13.41
C GLU B 106 1.75 -16.90 -14.17
N ILE B 107 0.90 -16.16 -13.46
CA ILE B 107 0.13 -15.10 -14.11
C ILE B 107 1.08 -13.94 -14.49
N CYS B 108 2.10 -13.68 -13.65
CA CYS B 108 3.09 -12.66 -13.95
C CYS B 108 3.80 -13.01 -15.25
N ARG B 109 4.18 -14.27 -15.41
CA ARG B 109 5.01 -14.63 -16.52
C ARG B 109 4.21 -14.53 -17.85
N LYS B 110 2.95 -14.91 -17.78
CA LYS B 110 2.11 -14.82 -18.93
C LYS B 110 1.84 -13.34 -19.31
N LEU B 111 1.71 -12.47 -18.30
CA LEU B 111 1.41 -11.06 -18.49
C LEU B 111 2.66 -10.21 -18.74
N GLY B 112 3.85 -10.78 -18.61
CA GLY B 112 5.12 -10.07 -18.80
C GLY B 112 5.39 -8.98 -17.77
N ILE B 113 4.85 -9.16 -16.56
CA ILE B 113 5.03 -8.16 -15.50
C ILE B 113 6.03 -8.64 -14.46
N GLY B 114 6.53 -7.72 -13.63
CA GLY B 114 7.42 -8.12 -12.49
C GLY B 114 6.71 -8.99 -11.44
N TYR B 115 7.53 -9.56 -10.57
CA TYR B 115 7.04 -10.53 -9.60
C TYR B 115 6.71 -9.93 -8.23
N HIS B 116 6.50 -8.62 -8.18
CA HIS B 116 6.46 -7.97 -6.87
C HIS B 116 5.27 -8.46 -6.03
N ILE B 117 4.17 -8.80 -6.65
CA ILE B 117 2.96 -9.20 -5.90
C ILE B 117 3.13 -10.50 -5.11
N PRO B 118 3.54 -11.59 -5.78
CA PRO B 118 3.76 -12.83 -5.00
C PRO B 118 4.89 -12.67 -3.97
N PHE B 119 5.92 -11.93 -4.35
CA PHE B 119 7.00 -11.65 -3.46
C PHE B 119 6.41 -10.95 -2.19
N ALA B 120 5.46 -10.02 -2.37
CA ALA B 120 4.91 -9.35 -1.22
C ALA B 120 4.03 -10.34 -0.42
N PHE B 121 3.22 -11.12 -1.12
CA PHE B 121 2.36 -12.08 -0.47
C PHE B 121 3.23 -13.05 0.38
N ALA B 122 4.43 -13.38 -0.10
CA ALA B 122 5.26 -14.31 0.64
C ALA B 122 5.52 -13.81 2.08
N PHE B 123 5.38 -12.49 2.34
CA PHE B 123 5.65 -11.95 3.68
C PHE B 123 4.45 -12.29 4.59
N ALA B 124 3.25 -12.21 4.05
CA ALA B 124 2.11 -12.68 4.81
C ALA B 124 2.27 -14.19 5.14
N ILE B 125 2.63 -14.99 4.16
CA ILE B 125 2.79 -16.39 4.37
C ILE B 125 3.86 -16.66 5.48
N LEU B 126 4.96 -15.89 5.46
CA LEU B 126 5.98 -16.09 6.44
C LEU B 126 5.51 -15.75 7.87
N ALA B 127 4.59 -14.81 8.01
CA ALA B 127 4.11 -14.42 9.31
C ALA B 127 3.21 -15.54 9.83
N HIS B 128 2.36 -16.03 8.95
CA HIS B 128 1.56 -17.18 9.26
C HIS B 128 2.45 -18.35 9.69
N LEU B 129 3.52 -18.63 8.96
CA LEU B 129 4.39 -19.74 9.31
C LEU B 129 5.10 -19.53 10.67
N THR B 130 5.41 -18.28 10.96
CA THR B 130 5.97 -17.93 12.22
C THR B 130 5.00 -18.35 13.33
N LEU B 131 3.72 -17.99 13.21
CA LEU B 131 2.76 -18.36 14.23
C LEU B 131 2.49 -19.87 14.34
N VAL B 132 2.44 -20.58 13.21
CA VAL B 132 1.90 -21.94 13.25
C VAL B 132 3.02 -22.97 13.20
N LEU B 133 4.23 -22.56 12.82
CA LEU B 133 5.26 -23.52 12.53
C LEU B 133 6.54 -23.16 13.23
N PHE B 134 7.13 -22.03 12.86
CA PHE B 134 8.46 -21.69 13.40
C PHE B 134 8.46 -21.47 14.91
N ARG B 135 7.54 -20.64 15.41
CA ARG B 135 7.50 -20.37 16.82
C ARG B 135 7.14 -21.64 17.64
N PRO B 136 6.03 -22.33 17.30
CA PRO B 136 5.72 -23.57 18.01
C PRO B 136 6.87 -24.56 18.05
N VAL B 137 7.66 -24.65 16.97
CA VAL B 137 8.72 -25.62 16.87
C VAL B 137 9.86 -25.18 17.76
N MET B 138 10.15 -23.88 17.79
CA MET B 138 11.28 -23.44 18.60
C MET B 138 10.96 -23.59 20.10
N MET B 139 9.69 -23.55 20.42
CA MET B 139 9.18 -23.58 21.78
C MET B 139 8.84 -25.04 22.26
N GLY B 140 8.74 -25.99 21.32
CA GLY B 140 8.58 -27.40 21.57
C GLY B 140 7.17 -27.97 21.49
N ALA B 141 6.21 -27.24 20.92
CA ALA B 141 4.89 -27.82 20.75
C ALA B 141 3.90 -27.07 19.89
N TRP B 142 3.18 -27.85 19.11
CA TRP B 142 2.07 -27.34 18.35
C TRP B 142 1.10 -26.52 19.17
N GLY B 143 0.95 -26.86 20.46
CA GLY B 143 -0.08 -26.26 21.31
C GLY B 143 0.15 -24.77 21.55
N TYR B 144 1.35 -24.28 21.29
CA TYR B 144 1.59 -22.82 21.31
C TYR B 144 1.04 -22.03 20.08
N ALA B 145 0.56 -22.75 19.06
CA ALA B 145 -0.03 -22.14 17.88
C ALA B 145 -1.40 -21.65 18.26
N PHE B 146 -2.06 -20.96 17.33
CA PHE B 146 -3.33 -20.36 17.65
C PHE B 146 -4.37 -21.25 17.07
N PRO B 147 -5.57 -21.19 17.64
CA PRO B 147 -6.54 -22.08 17.07
C PRO B 147 -7.30 -21.38 15.94
N TYR B 148 -8.03 -22.16 15.17
CA TYR B 148 -8.76 -21.64 14.06
C TYR B 148 -10.19 -21.49 14.44
N GLY B 149 -10.54 -20.29 14.91
CA GLY B 149 -11.91 -19.95 15.14
C GLY B 149 -12.01 -18.46 15.24
N ILE B 150 -13.15 -17.92 14.86
CA ILE B 150 -13.34 -16.48 14.69
C ILE B 150 -12.92 -15.83 16.00
N TRP B 151 -13.61 -16.19 17.07
CA TRP B 151 -13.39 -15.55 18.37
C TRP B 151 -12.31 -16.23 19.18
N THR B 152 -12.17 -17.55 19.06
CA THR B 152 -11.13 -18.22 19.86
C THR B 152 -9.73 -17.77 19.44
N HIS B 153 -9.52 -17.45 18.16
CA HIS B 153 -8.16 -16.96 17.84
C HIS B 153 -7.84 -15.64 18.52
N LEU B 154 -8.85 -14.79 18.76
CA LEU B 154 -8.62 -13.56 19.53
C LEU B 154 -8.30 -13.82 21.00
N ASP B 155 -9.02 -14.79 21.58
CA ASP B 155 -8.69 -15.21 22.95
C ASP B 155 -7.21 -15.57 23.05
N TRP B 156 -6.69 -16.28 22.05
CA TRP B 156 -5.30 -16.74 22.08
C TRP B 156 -4.37 -15.52 22.00
N VAL B 157 -4.79 -14.47 21.29
CA VAL B 157 -3.92 -13.32 21.12
C VAL B 157 -3.81 -12.63 22.47
N SER B 158 -4.96 -12.41 23.07
CA SER B 158 -5.03 -11.79 24.36
C SER B 158 -4.28 -12.62 25.44
N ASN B 159 -4.45 -13.94 25.42
CA ASN B 159 -3.76 -14.79 26.40
C ASN B 159 -2.28 -14.80 26.23
N THR B 160 -1.85 -14.98 24.97
CA THR B 160 -0.46 -14.96 24.63
C THR B 160 0.15 -13.64 25.02
N GLY B 161 -0.52 -12.51 24.71
CA GLY B 161 0.12 -11.23 25.04
C GLY B 161 0.27 -11.04 26.56
N TYR B 162 -0.77 -11.38 27.31
CA TYR B 162 -0.77 -11.13 28.74
C TYR B 162 0.15 -12.10 29.52
N THR B 163 0.60 -13.17 28.87
CA THR B 163 1.72 -13.94 29.37
C THR B 163 3.00 -13.18 29.58
N TYR B 164 3.14 -12.04 28.92
CA TYR B 164 4.37 -11.28 29.02
C TYR B 164 4.05 -9.89 29.52
N GLY B 165 2.94 -9.76 30.26
CA GLY B 165 2.54 -8.45 30.76
C GLY B 165 1.76 -7.74 29.65
N ASN B 166 1.82 -6.41 29.67
CA ASN B 166 1.39 -5.58 28.55
C ASN B 166 2.32 -5.76 27.34
N PHE B 167 1.78 -6.36 26.29
CA PHE B 167 2.61 -6.71 25.13
C PHE B 167 3.07 -5.43 24.36
N HIS B 168 2.47 -4.28 24.69
CA HIS B 168 2.93 -3.03 24.11
C HIS B 168 4.43 -2.90 24.22
N TYR B 169 5.05 -3.54 25.21
CA TYR B 169 6.42 -3.17 25.61
C TYR B 169 7.43 -3.94 24.79
N ASN B 170 6.96 -4.89 23.99
CA ASN B 170 7.85 -5.66 23.12
C ASN B 170 8.40 -4.69 22.02
N PRO B 171 9.73 -4.42 21.98
CA PRO B 171 10.18 -3.29 21.13
C PRO B 171 10.01 -3.58 19.62
N ALA B 172 10.09 -4.84 19.21
CA ALA B 172 9.84 -5.19 17.83
C ALA B 172 8.37 -4.96 17.46
N HIS B 173 7.50 -5.05 18.45
CA HIS B 173 6.04 -4.93 18.28
C HIS B 173 5.77 -3.42 18.10
N MET B 174 6.49 -2.60 18.82
CA MET B 174 6.44 -1.14 18.70
C MET B 174 6.76 -0.69 17.29
N ILE B 175 7.82 -1.26 16.73
CA ILE B 175 8.21 -0.93 15.39
C ILE B 175 7.15 -1.42 14.37
N ALA B 176 6.66 -2.63 14.56
CA ALA B 176 5.60 -3.20 13.74
C ALA B 176 4.37 -2.29 13.71
N ILE B 177 3.92 -1.89 14.89
CA ILE B 177 2.79 -1.00 14.95
C ILE B 177 3.06 0.30 14.17
N SER B 178 4.22 0.90 14.42
CA SER B 178 4.57 2.12 13.79
C SER B 178 4.41 1.98 12.26
N PHE B 179 4.91 0.88 11.70
CA PHE B 179 4.76 0.61 10.29
C PHE B 179 3.30 0.44 9.91
N PHE B 180 2.48 -0.30 10.70
CA PHE B 180 1.08 -0.37 10.39
C PHE B 180 0.43 0.98 10.32
N PHE B 181 0.64 1.81 11.33
CA PHE B 181 -0.08 3.08 11.42
C PHE B 181 0.43 3.99 10.25
N THR B 182 1.73 4.00 10.00
CA THR B 182 2.31 4.83 8.96
C THR B 182 1.79 4.39 7.58
N ASN B 183 1.69 3.07 7.39
CA ASN B 183 1.17 2.53 6.14
C ASN B 183 -0.22 3.04 5.89
N ALA B 184 -1.06 3.07 6.93
CA ALA B 184 -2.42 3.47 6.72
C ALA B 184 -2.52 4.99 6.43
N LEU B 185 -1.71 5.78 7.13
CA LEU B 185 -1.52 7.19 6.87
C LEU B 185 -1.14 7.43 5.40
N ALA B 186 -0.08 6.75 4.94
CA ALA B 186 0.34 6.78 3.56
C ALA B 186 -0.78 6.39 2.55
N LEU B 187 -1.52 5.32 2.88
CA LEU B 187 -2.55 4.82 2.01
C LEU B 187 -3.65 5.87 1.91
N ALA B 188 -4.04 6.49 3.03
CA ALA B 188 -5.05 7.55 2.96
C ALA B 188 -4.54 8.69 2.06
N LEU B 189 -3.32 9.17 2.33
CA LEU B 189 -2.73 10.29 1.59
C LEU B 189 -2.64 9.96 0.11
N HIS B 190 -2.17 8.74 -0.21
CA HIS B 190 -2.06 8.33 -1.60
C HIS B 190 -3.36 8.35 -2.38
N GLY B 191 -4.39 7.71 -1.85
CA GLY B 191 -5.64 7.62 -2.52
C GLY B 191 -6.26 8.98 -2.64
N ALA B 192 -6.12 9.77 -1.57
CA ALA B 192 -6.65 11.13 -1.53
C ALA B 192 -5.90 11.99 -2.57
N LEU B 193 -4.61 11.81 -2.70
CA LEU B 193 -3.89 12.71 -3.55
C LEU B 193 -4.30 12.50 -5.05
N VAL B 194 -4.21 11.24 -5.51
CA VAL B 194 -4.56 10.89 -6.85
C VAL B 194 -5.99 11.29 -7.19
N LEU B 195 -6.91 11.06 -6.28
CA LEU B 195 -8.28 11.37 -6.53
C LEU B 195 -8.47 12.89 -6.59
N SER B 196 -7.76 13.63 -5.72
CA SER B 196 -7.89 15.08 -5.66
C SER B 196 -7.38 15.61 -7.02
N ALA B 197 -6.43 14.91 -7.64
CA ALA B 197 -5.92 15.36 -8.91
C ALA B 197 -6.83 14.97 -10.11
N ALA B 198 -7.46 13.82 -9.99
CA ALA B 198 -8.25 13.28 -11.07
C ALA B 198 -9.64 13.83 -11.01
N ASN B 199 -10.05 14.29 -9.84
CA ASN B 199 -11.37 14.87 -9.64
C ASN B 199 -11.24 16.27 -9.03
N PRO B 200 -10.96 17.25 -9.88
CA PRO B 200 -10.57 18.56 -9.34
C PRO B 200 -11.82 19.32 -8.98
N GLU B 201 -11.71 20.56 -8.56
CA GLU B 201 -12.93 21.40 -8.36
C GLU B 201 -13.82 21.37 -9.59
N LYS B 202 -15.12 21.44 -9.38
CA LYS B 202 -16.08 21.36 -10.50
C LYS B 202 -15.74 22.23 -11.74
N GLY B 203 -15.78 21.62 -12.92
CA GLY B 203 -15.50 22.35 -14.16
C GLY B 203 -14.03 22.50 -14.54
N LYS B 204 -13.12 22.21 -13.60
CA LYS B 204 -11.71 22.35 -13.91
C LYS B 204 -11.19 21.12 -14.60
N GLU B 205 -10.07 21.32 -15.29
CA GLU B 205 -9.34 20.28 -15.96
C GLU B 205 -8.62 19.38 -14.91
N MET B 206 -8.42 18.11 -15.29
CA MET B 206 -7.65 17.18 -14.46
C MET B 206 -6.32 17.84 -14.12
N ARG B 207 -5.86 17.71 -12.87
CA ARG B 207 -4.51 18.11 -12.54
C ARG B 207 -3.49 17.14 -13.07
N THR B 208 -2.22 17.45 -12.86
CA THR B 208 -1.12 16.66 -13.31
C THR B 208 -0.30 16.16 -12.13
N PRO B 209 0.65 15.26 -12.40
CA PRO B 209 1.45 14.87 -11.25
C PRO B 209 2.24 16.06 -10.71
N ASP B 210 2.49 17.07 -11.55
CA ASP B 210 3.17 18.29 -11.08
C ASP B 210 2.33 18.96 -10.00
N HIS B 211 1.01 18.98 -10.15
CA HIS B 211 0.19 19.52 -9.10
C HIS B 211 0.31 18.69 -7.80
N GLU B 212 0.59 17.39 -7.97
CA GLU B 212 0.56 16.43 -6.85
C GLU B 212 1.83 16.69 -6.06
N ASP B 213 2.96 16.79 -6.78
CA ASP B 213 4.21 17.20 -6.16
C ASP B 213 4.01 18.60 -5.52
N THR B 214 3.28 19.50 -6.17
CA THR B 214 3.22 20.85 -5.65
C THR B 214 2.44 20.86 -4.40
N PHE B 215 1.33 20.11 -4.38
CA PHE B 215 0.43 20.11 -3.20
C PHE B 215 1.22 19.72 -1.97
N PHE B 216 2.08 18.72 -2.14
CA PHE B 216 2.78 18.19 -1.00
C PHE B 216 3.95 19.05 -0.58
N ARG B 217 4.67 19.63 -1.56
CA ARG B 217 5.71 20.62 -1.22
C ARG B 217 5.05 21.81 -0.51
N ASP B 218 3.93 22.28 -1.01
CA ASP B 218 3.28 23.35 -0.31
C ASP B 218 2.99 22.89 1.13
N LEU B 219 2.44 21.67 1.29
CA LEU B 219 1.90 21.31 2.56
C LEU B 219 2.98 20.97 3.59
N VAL B 220 4.01 20.20 3.25
CA VAL B 220 4.95 19.76 4.27
C VAL B 220 6.39 20.02 3.88
N GLY B 221 6.62 20.61 2.70
CA GLY B 221 8.00 20.91 2.28
C GLY B 221 8.64 19.78 1.51
N TYR B 222 7.87 18.74 1.23
CA TYR B 222 8.48 17.59 0.56
C TYR B 222 7.46 16.74 -0.16
N SER B 223 7.85 16.19 -1.30
CA SER B 223 6.94 15.29 -1.95
C SER B 223 7.73 14.09 -2.40
N ILE B 224 7.28 12.92 -2.04
CA ILE B 224 8.10 11.74 -2.36
C ILE B 224 8.01 11.36 -3.84
N GLY B 225 6.99 11.82 -4.55
CA GLY B 225 6.89 11.47 -6.01
C GLY B 225 6.09 10.18 -6.32
N THR B 226 5.63 10.05 -7.56
CA THR B 226 4.68 9.04 -7.91
C THR B 226 5.28 7.62 -7.96
N LEU B 227 6.56 7.45 -8.33
CA LEU B 227 7.27 6.20 -8.14
C LEU B 227 7.46 5.91 -6.64
N GLY B 228 7.93 6.93 -5.94
CA GLY B 228 8.32 6.80 -4.56
C GLY B 228 7.22 6.37 -3.63
N ILE B 229 6.01 6.90 -3.86
CA ILE B 229 4.90 6.61 -2.98
C ILE B 229 4.45 5.16 -3.05
N HIS B 230 4.66 4.54 -4.20
CA HIS B 230 4.31 3.13 -4.42
C HIS B 230 5.41 2.23 -3.83
N ARG B 231 6.66 2.64 -4.00
CA ARG B 231 7.76 2.05 -3.23
C ARG B 231 7.53 2.08 -1.71
N LEU B 232 7.01 3.18 -1.23
CA LEU B 232 6.86 3.48 0.17
C LEU B 232 5.73 2.58 0.76
N GLY B 233 4.53 2.61 0.16
CA GLY B 233 3.45 1.72 0.58
C GLY B 233 3.91 0.26 0.60
N LEU B 234 4.62 -0.16 -0.41
CA LEU B 234 5.05 -1.55 -0.44
C LEU B 234 5.99 -1.76 0.77
N LEU B 235 6.96 -0.86 0.95
CA LEU B 235 7.93 -1.01 2.02
C LEU B 235 7.28 -0.95 3.44
N LEU B 236 6.34 -0.04 3.63
CA LEU B 236 5.79 0.16 4.93
C LEU B 236 5.03 -1.12 5.30
N SER B 237 4.30 -1.66 4.33
CA SER B 237 3.51 -2.84 4.50
C SER B 237 4.34 -4.06 4.81
N LEU B 238 5.39 -4.27 4.05
CA LEU B 238 6.16 -5.45 4.23
C LEU B 238 6.94 -5.31 5.54
N SER B 239 7.39 -4.10 5.87
CA SER B 239 8.15 -3.87 7.07
C SER B 239 7.27 -4.12 8.29
N ALA B 240 6.00 -3.73 8.23
CA ALA B 240 5.04 -4.02 9.34
C ALA B 240 4.91 -5.52 9.67
N VAL B 241 4.81 -6.32 8.62
CA VAL B 241 4.65 -7.73 8.74
C VAL B 241 5.96 -8.41 9.09
N PHE B 242 7.07 -7.84 8.61
CA PHE B 242 8.34 -8.39 8.92
C PHE B 242 8.57 -8.26 10.47
N PHE B 243 8.37 -7.06 10.98
CA PHE B 243 8.50 -6.78 12.37
C PHE B 243 7.46 -7.48 13.25
N SER B 244 6.30 -7.74 12.68
CA SER B 244 5.28 -8.55 13.35
C SER B 244 5.86 -9.92 13.57
N ALA B 245 6.28 -10.57 12.48
CA ALA B 245 6.85 -11.91 12.59
C ALA B 245 8.07 -11.90 13.57
N LEU B 246 8.87 -10.82 13.51
CA LEU B 246 10.00 -10.71 14.39
C LEU B 246 9.56 -10.64 15.88
N CYS B 247 8.54 -9.86 16.14
CA CYS B 247 8.17 -9.53 17.48
C CYS B 247 7.65 -10.81 18.14
N MET B 248 7.11 -11.75 17.35
CA MET B 248 6.57 -12.98 17.88
C MET B 248 7.60 -14.13 17.92
N ILE B 249 8.54 -14.17 16.98
CA ILE B 249 9.46 -15.28 16.92
C ILE B 249 10.42 -15.12 18.12
N ILE B 250 10.63 -13.89 18.59
CA ILE B 250 11.56 -13.69 19.70
C ILE B 250 10.88 -13.86 21.07
N THR B 251 9.57 -14.00 21.08
CA THR B 251 8.79 -14.04 22.28
C THR B 251 8.49 -15.49 22.67
N GLY B 252 8.95 -15.87 23.88
CA GLY B 252 8.85 -17.26 24.33
C GLY B 252 10.05 -18.06 23.90
N THR B 253 11.03 -17.40 23.31
CA THR B 253 12.20 -18.12 22.84
C THR B 253 13.36 -17.37 23.41
N ILE B 254 13.81 -16.27 22.81
CA ILE B 254 14.92 -15.57 23.42
C ILE B 254 14.49 -14.67 24.58
N TRP B 255 13.22 -14.23 24.58
CA TRP B 255 12.75 -13.42 25.67
C TRP B 255 11.43 -13.98 26.13
N PHE B 256 11.28 -14.26 27.44
CA PHE B 256 10.06 -14.87 27.96
C PHE B 256 9.62 -14.30 29.29
N ASP B 257 10.26 -13.24 29.75
CA ASP B 257 9.77 -12.57 30.95
C ASP B 257 8.80 -11.46 30.59
N GLN B 258 8.52 -10.54 31.51
CA GLN B 258 7.58 -9.50 31.22
C GLN B 258 8.30 -8.50 30.34
N TRP B 259 7.75 -8.23 29.16
CA TRP B 259 8.37 -7.24 28.22
C TRP B 259 8.69 -5.86 28.84
N VAL B 260 7.83 -5.35 29.73
CA VAL B 260 8.16 -4.06 30.34
C VAL B 260 9.56 -4.08 31.01
N ASP B 261 10.00 -5.26 31.45
CA ASP B 261 11.28 -5.31 32.20
C ASP B 261 12.48 -5.25 31.28
N TRP B 262 12.30 -5.67 30.03
CA TRP B 262 13.37 -5.52 29.05
C TRP B 262 13.96 -4.08 29.07
N TRP B 263 13.14 -3.06 29.24
CA TRP B 263 13.59 -1.68 29.09
C TRP B 263 14.54 -1.24 30.17
N GLN B 264 14.70 -2.07 31.20
CA GLN B 264 15.69 -1.76 32.25
C GLN B 264 17.14 -1.67 31.75
N TRP B 265 17.48 -2.34 30.64
CA TRP B 265 18.84 -2.24 30.09
C TRP B 265 19.21 -0.76 29.88
N TRP B 266 18.24 0.03 29.39
CA TRP B 266 18.42 1.46 29.23
C TRP B 266 18.62 2.17 30.55
N VAL B 267 17.72 1.99 31.51
CA VAL B 267 17.80 2.83 32.70
C VAL B 267 18.98 2.49 33.60
N LYS B 268 19.53 1.28 33.44
CA LYS B 268 20.63 0.81 34.28
C LYS B 268 22.00 1.02 33.60
N LEU B 269 22.07 1.82 32.55
CA LEU B 269 23.39 2.14 31.99
C LEU B 269 24.22 2.93 33.03
N PRO B 270 25.50 2.48 33.26
CA PRO B 270 26.34 2.95 34.39
C PRO B 270 26.38 4.46 34.52
N TRP B 271 26.61 5.16 33.42
CA TRP B 271 26.62 6.63 33.46
C TRP B 271 25.45 7.34 34.15
N TRP B 272 24.28 6.71 34.25
CA TRP B 272 23.12 7.40 34.84
C TRP B 272 22.25 6.57 35.76
N ALA B 273 22.57 5.28 35.83
CA ALA B 273 21.85 4.32 36.69
C ALA B 273 21.57 4.85 38.07
N ASN B 274 22.53 5.53 38.69
CA ASN B 274 22.40 5.82 40.12
C ASN B 274 22.14 7.29 40.46
N ILE B 275 21.99 8.12 39.43
CA ILE B 275 21.72 9.54 39.63
C ILE B 275 20.30 9.71 40.18
N PRO B 276 20.14 10.45 41.29
CA PRO B 276 18.80 10.50 41.90
C PRO B 276 17.87 11.49 41.17
N GLY B 277 16.58 11.46 41.50
CA GLY B 277 15.56 12.24 40.78
C GLY B 277 14.89 11.51 39.60
N GLY B 278 13.89 12.17 38.98
CA GLY B 278 13.13 11.56 37.89
C GLY B 278 12.28 10.38 38.32
N ILE B 279 11.93 9.50 37.38
CA ILE B 279 10.99 8.43 37.67
C ILE B 279 11.72 7.23 38.31
N ASN B 280 12.96 6.99 37.88
CA ASN B 280 13.69 5.74 38.23
C ASN B 280 14.89 5.92 39.18
N GLY B 281 14.82 6.94 40.01
CA GLY B 281 15.79 7.13 41.08
C GLY B 281 15.17 8.08 42.08
N ALA C 1 19.82 -11.44 -11.92
CA ALA C 1 18.75 -10.55 -11.39
C ALA C 1 18.16 -9.62 -12.49
N GLU C 2 16.84 -9.73 -12.77
CA GLU C 2 16.12 -8.53 -13.27
C GLU C 2 16.36 -7.45 -12.20
N TYR C 3 16.48 -6.20 -12.64
CA TYR C 3 16.36 -5.08 -11.72
C TYR C 3 14.91 -5.00 -11.17
N GLN C 4 14.73 -4.53 -9.93
CA GLN C 4 13.40 -4.60 -9.29
C GLN C 4 12.66 -3.25 -9.16
N ASN C 5 13.35 -2.14 -9.38
CA ASN C 5 12.78 -0.80 -9.24
C ASN C 5 12.36 -0.43 -7.83
N ILE C 6 13.00 -1.04 -6.83
CA ILE C 6 12.79 -0.55 -5.45
C ILE C 6 13.63 0.69 -5.15
N PHE C 7 14.83 0.72 -5.72
CA PHE C 7 15.73 1.88 -5.68
C PHE C 7 16.15 2.23 -7.09
N SER C 8 16.45 3.50 -7.31
CA SER C 8 16.75 3.97 -8.67
C SER C 8 18.18 3.59 -9.00
N GLN C 9 18.46 3.15 -10.22
CA GLN C 9 19.87 2.93 -10.63
C GLN C 9 20.66 4.22 -10.91
N VAL C 10 19.98 5.24 -11.47
CA VAL C 10 20.60 6.52 -11.87
C VAL C 10 19.71 7.66 -11.41
N GLN C 11 20.25 8.60 -10.65
CA GLN C 11 19.51 9.83 -10.43
C GLN C 11 19.86 10.88 -11.47
N VAL C 12 18.90 11.75 -11.69
CA VAL C 12 19.05 12.76 -12.70
C VAL C 12 18.46 14.02 -12.03
N ARG C 13 19.17 15.14 -12.16
CA ARG C 13 18.70 16.39 -11.57
C ARG C 13 18.60 17.45 -12.66
N GLY C 14 17.64 18.34 -12.50
CA GLY C 14 17.56 19.53 -13.31
C GLY C 14 17.25 20.76 -12.46
N PRO C 15 16.75 21.82 -13.09
CA PRO C 15 16.58 23.05 -12.36
C PRO C 15 15.61 22.83 -11.21
N ALA C 16 15.80 23.50 -10.09
CA ALA C 16 14.88 23.36 -8.98
C ALA C 16 13.47 23.62 -9.42
N ASP C 17 12.56 22.79 -8.96
CA ASP C 17 11.22 22.86 -9.54
C ASP C 17 10.35 23.59 -8.55
N LEU C 18 9.74 24.66 -8.99
CA LEU C 18 9.18 25.62 -8.06
C LEU C 18 7.71 25.42 -8.07
N GLY C 19 7.26 24.51 -8.93
CA GLY C 19 5.91 24.02 -8.80
C GLY C 19 4.93 24.81 -9.61
N MET C 20 3.66 24.43 -9.55
CA MET C 20 2.63 25.04 -10.32
C MET C 20 2.13 26.17 -9.44
N THR C 21 1.33 27.06 -10.01
CA THR C 21 1.06 28.36 -9.45
C THR C 21 -0.43 28.41 -9.27
N GLU C 22 -1.18 28.13 -10.33
CA GLU C 22 -2.64 28.30 -10.19
C GLU C 22 -2.91 29.53 -9.34
N ASP C 23 -3.77 29.41 -8.34
CA ASP C 23 -4.15 30.53 -7.51
C ASP C 23 -3.34 30.69 -6.27
N VAL C 24 -2.17 30.07 -6.22
CA VAL C 24 -1.40 30.11 -5.01
C VAL C 24 -0.84 31.53 -4.90
N ASN C 25 -0.94 32.10 -3.70
CA ASN C 25 -0.12 33.22 -3.38
C ASN C 25 1.37 32.91 -3.21
N LEU C 26 2.15 33.26 -4.22
CA LEU C 26 3.56 32.96 -4.28
C LEU C 26 4.43 33.68 -3.26
N ALA C 27 3.89 34.73 -2.63
CA ALA C 27 4.71 35.50 -1.70
C ALA C 27 4.88 34.62 -0.47
N ASN C 28 3.94 33.70 -0.29
CA ASN C 28 3.99 32.72 0.79
C ASN C 28 4.82 31.46 0.62
N ARG C 29 5.50 31.25 -0.49
CA ARG C 29 6.38 30.10 -0.61
C ARG C 29 7.78 30.44 -0.24
N SER C 30 8.44 29.56 0.50
CA SER C 30 9.87 29.67 0.75
C SER C 30 10.53 29.57 -0.63
N GLY C 31 11.86 29.56 -0.66
CA GLY C 31 12.54 29.08 -1.83
C GLY C 31 12.75 27.60 -1.63
N VAL C 32 13.41 26.97 -2.61
CA VAL C 32 13.60 25.54 -2.61
C VAL C 32 14.56 25.24 -1.45
N GLY C 33 14.50 24.03 -0.88
CA GLY C 33 15.46 23.56 0.14
C GLY C 33 16.63 22.95 -0.59
N PRO C 34 17.54 22.28 0.13
CA PRO C 34 18.59 21.55 -0.59
C PRO C 34 18.09 20.29 -1.39
N PHE C 35 19.01 19.59 -2.05
CA PHE C 35 18.73 18.31 -2.70
C PHE C 35 19.37 17.17 -1.96
N SER C 36 18.56 16.19 -1.55
CA SER C 36 19.10 14.97 -0.95
C SER C 36 19.28 13.83 -1.96
N THR C 37 20.51 13.58 -2.36
CA THR C 37 20.89 12.37 -3.05
C THR C 37 20.48 11.09 -2.31
N LEU C 38 20.50 11.16 -0.98
CA LEU C 38 20.10 10.02 -0.17
C LEU C 38 18.63 9.69 -0.46
N LEU C 39 17.74 10.63 -0.22
CA LEU C 39 16.32 10.48 -0.59
C LEU C 39 16.11 10.02 -2.07
N GLY C 40 16.91 10.57 -2.98
CA GLY C 40 16.76 10.36 -4.42
C GLY C 40 17.01 8.93 -4.83
N TRP C 41 17.55 8.09 -3.95
CA TRP C 41 17.62 6.66 -4.35
C TRP C 41 16.24 6.03 -4.32
N PHE C 42 15.30 6.68 -3.63
CA PHE C 42 14.04 6.03 -3.28
C PHE C 42 12.84 6.88 -3.71
N GLY C 43 12.91 8.19 -3.46
CA GLY C 43 11.88 9.14 -3.91
C GLY C 43 12.50 10.34 -4.63
N ASN C 44 11.80 11.47 -4.62
CA ASN C 44 12.35 12.73 -5.10
C ASN C 44 13.53 13.20 -4.25
N ALA C 45 14.55 13.77 -4.91
CA ALA C 45 15.74 14.40 -4.25
C ALA C 45 15.49 15.79 -3.67
N GLN C 46 14.49 16.50 -4.17
CA GLN C 46 14.33 17.89 -3.83
C GLN C 46 13.58 18.13 -2.53
N LEU C 47 14.08 19.06 -1.70
CA LEU C 47 13.37 19.55 -0.52
C LEU C 47 12.76 20.92 -0.77
N GLY C 48 11.64 21.22 -0.15
CA GLY C 48 10.85 22.41 -0.51
C GLY C 48 10.58 22.67 -1.99
N PRO C 49 10.01 23.83 -2.30
CA PRO C 49 9.69 24.89 -1.34
C PRO C 49 8.53 24.42 -0.47
N ILE C 50 8.27 25.15 0.60
CA ILE C 50 7.10 24.93 1.40
C ILE C 50 6.31 26.23 1.39
N TYR C 51 5.02 26.12 1.63
CA TYR C 51 4.16 27.27 1.73
C TYR C 51 3.86 27.49 3.21
N LEU C 52 4.12 28.68 3.72
CA LEU C 52 3.76 29.02 5.08
C LEU C 52 3.16 30.39 5.05
N GLY C 53 1.83 30.46 4.96
CA GLY C 53 1.10 31.69 5.18
C GLY C 53 0.70 31.79 6.64
N SER C 54 -0.35 32.56 6.92
CA SER C 54 -0.75 32.81 8.32
C SER C 54 -1.16 31.58 9.13
N LEU C 55 -2.08 30.81 8.58
CA LEU C 55 -2.59 29.59 9.19
C LEU C 55 -1.40 28.62 9.41
N GLY C 56 -0.46 28.59 8.50
CA GLY C 56 0.70 27.71 8.65
C GLY C 56 1.58 28.12 9.81
N VAL C 57 1.79 29.43 9.95
CA VAL C 57 2.56 29.95 11.06
C VAL C 57 1.82 29.66 12.36
N LEU C 58 0.54 29.94 12.41
CA LEU C 58 -0.27 29.69 13.61
C LEU C 58 -0.07 28.23 14.06
N SER C 59 -0.36 27.33 13.11
CA SER C 59 -0.32 25.90 13.34
C SER C 59 1.01 25.45 13.86
N LEU C 60 2.06 25.95 13.25
CA LEU C 60 3.41 25.54 13.59
C LEU C 60 3.78 26.08 14.95
N PHE C 61 3.22 27.23 15.28
CA PHE C 61 3.53 27.86 16.55
C PHE C 61 2.85 27.11 17.70
N SER C 62 1.56 26.81 17.59
CA SER C 62 0.93 26.03 18.66
C SER C 62 1.48 24.63 18.75
N GLY C 63 1.73 24.03 17.59
CA GLY C 63 2.34 22.71 17.53
C GLY C 63 3.55 22.61 18.43
N LEU C 64 4.48 23.54 18.21
CA LEU C 64 5.74 23.63 18.94
C LEU C 64 5.47 23.97 20.40
N MET C 65 4.48 24.81 20.64
CA MET C 65 4.11 25.16 22.02
C MET C 65 3.57 23.97 22.77
N TRP C 66 2.81 23.13 22.08
CA TRP C 66 2.31 21.89 22.65
C TRP C 66 3.52 21.03 23.01
N PHE C 67 4.45 20.92 22.07
CA PHE C 67 5.60 20.09 22.26
C PHE C 67 6.46 20.61 23.40
N PHE C 68 6.68 21.93 23.44
CA PHE C 68 7.54 22.56 24.48
C PHE C 68 6.88 22.51 25.85
N THR C 69 5.56 22.66 25.92
CA THR C 69 4.85 22.59 27.20
C THR C 69 5.07 21.22 27.83
N ILE C 70 4.85 20.18 27.06
CA ILE C 70 5.18 18.81 27.50
C ILE C 70 6.65 18.69 27.95
N GLY C 71 7.59 19.08 27.09
CA GLY C 71 9.04 18.96 27.36
C GLY C 71 9.56 19.76 28.57
N ILE C 72 8.97 20.92 28.81
CA ILE C 72 9.26 21.64 30.05
C ILE C 72 8.83 20.80 31.24
N TRP C 73 7.64 20.18 31.17
CA TRP C 73 7.19 19.31 32.25
C TRP C 73 8.14 18.13 32.42
N PHE C 74 8.52 17.53 31.33
CA PHE C 74 9.47 16.48 31.41
C PHE C 74 10.75 16.92 32.16
N TRP C 75 11.33 18.07 31.77
CA TRP C 75 12.59 18.59 32.34
C TRP C 75 12.42 18.76 33.84
N TYR C 76 11.29 19.35 34.21
CA TYR C 76 10.91 19.45 35.59
C TYR C 76 10.92 18.11 36.31
N GLN C 77 10.24 17.10 35.76
CA GLN C 77 10.18 15.77 36.39
C GLN C 77 11.59 15.19 36.48
N ALA C 78 12.46 15.63 35.58
CA ALA C 78 13.84 15.14 35.54
C ALA C 78 14.68 15.83 36.62
N GLY C 79 14.11 16.82 37.30
CA GLY C 79 14.86 17.75 38.15
C GLY C 79 15.94 18.47 37.35
N TRP C 80 15.59 18.92 36.15
CA TRP C 80 16.49 19.73 35.33
C TRP C 80 17.83 19.04 35.04
N ASN C 81 17.90 17.75 35.31
CA ASN C 81 19.13 17.00 35.05
C ASN C 81 19.11 16.31 33.69
N PRO C 82 19.96 16.75 32.78
CA PRO C 82 20.02 16.21 31.43
C PRO C 82 20.18 14.69 31.39
N ALA C 83 21.02 14.14 32.25
CA ALA C 83 21.23 12.69 32.28
C ALA C 83 19.95 11.93 32.74
N VAL C 84 19.22 12.51 33.68
CA VAL C 84 17.98 11.90 34.15
C VAL C 84 16.88 12.08 33.08
N PHE C 85 17.01 13.17 32.32
CA PHE C 85 16.09 13.47 31.23
C PHE C 85 16.20 12.41 30.13
N LEU C 86 17.42 12.07 29.74
CA LEU C 86 17.57 11.02 28.77
C LEU C 86 17.24 9.65 29.36
N ARG C 87 17.61 9.41 30.61
CA ARG C 87 17.48 8.05 31.15
C ARG C 87 16.00 7.66 31.21
N ASP C 88 15.19 8.59 31.70
CA ASP C 88 13.78 8.38 32.03
C ASP C 88 12.78 8.99 31.00
N LEU C 89 13.30 9.37 29.82
CA LEU C 89 12.52 10.02 28.73
C LEU C 89 11.16 9.33 28.40
N PHE C 90 11.18 8.02 28.22
CA PHE C 90 9.97 7.28 27.92
C PHE C 90 9.03 7.14 29.11
N PHE C 91 9.53 7.41 30.32
CA PHE C 91 8.75 7.26 31.58
C PHE C 91 8.03 8.54 32.00
N PHE C 92 8.53 9.72 31.65
CA PHE C 92 7.88 10.96 32.06
C PHE C 92 6.52 11.06 31.46
N SER C 93 5.69 11.94 31.99
CA SER C 93 4.32 11.98 31.53
C SER C 93 3.60 13.20 32.00
N LEU C 94 2.93 13.89 31.08
CA LEU C 94 2.05 15.01 31.41
C LEU C 94 0.61 14.55 31.47
N GLU C 95 0.10 14.43 32.69
CA GLU C 95 -1.20 13.76 32.98
C GLU C 95 -2.34 14.78 33.07
N PRO C 96 -3.56 14.39 32.69
CA PRO C 96 -4.68 15.35 32.79
C PRO C 96 -5.14 15.49 34.23
N PRO C 97 -6.05 16.44 34.51
CA PRO C 97 -6.64 16.63 35.86
C PRO C 97 -7.20 15.31 36.41
N ALA C 98 -7.10 15.13 37.72
CA ALA C 98 -7.80 14.03 38.43
C ALA C 98 -9.33 14.16 38.31
N PRO C 99 -10.06 13.06 38.52
CA PRO C 99 -11.49 13.08 38.20
C PRO C 99 -12.29 14.19 38.91
N GLU C 100 -11.89 14.56 40.11
CA GLU C 100 -12.73 15.45 40.92
C GLU C 100 -12.80 16.86 40.33
N TYR C 101 -11.88 17.21 39.44
CA TYR C 101 -12.01 18.53 38.77
C TYR C 101 -13.04 18.57 37.66
N GLY C 102 -13.59 17.40 37.32
CA GLY C 102 -14.56 17.26 36.24
C GLY C 102 -14.08 17.88 34.94
N LEU C 103 -14.95 18.67 34.31
CA LEU C 103 -14.58 19.40 33.10
C LEU C 103 -14.08 20.82 33.35
N SER C 104 -13.60 21.12 34.58
CA SER C 104 -13.27 22.52 34.86
C SER C 104 -11.80 22.85 34.61
N PHE C 105 -11.50 24.14 34.66
CA PHE C 105 -10.12 24.61 34.59
C PHE C 105 -9.54 24.94 35.96
N ALA C 106 -10.22 24.50 37.03
CA ALA C 106 -9.82 24.86 38.39
C ALA C 106 -8.50 24.19 38.88
N ALA C 107 -8.13 23.05 38.29
CA ALA C 107 -6.95 22.27 38.71
C ALA C 107 -5.63 23.03 38.64
N PRO C 108 -4.71 22.74 39.58
CA PRO C 108 -3.40 23.43 39.53
C PRO C 108 -2.58 23.04 38.33
N LEU C 109 -1.89 24.04 37.76
CA LEU C 109 -0.77 23.81 36.87
C LEU C 109 -0.07 22.46 37.02
N LYS C 110 0.47 22.16 38.20
CA LYS C 110 1.31 20.95 38.33
C LYS C 110 0.45 19.68 38.36
N GLU C 111 -0.87 19.82 38.31
CA GLU C 111 -1.71 18.65 38.44
C GLU C 111 -2.88 18.67 37.48
N GLY C 112 -2.59 18.96 36.22
CA GLY C 112 -3.63 18.98 35.22
C GLY C 112 -3.71 20.27 34.43
N GLY C 113 -3.42 21.39 35.09
CA GLY C 113 -3.52 22.71 34.45
C GLY C 113 -2.65 22.74 33.20
N LEU C 114 -1.39 22.35 33.37
CA LEU C 114 -0.45 22.20 32.29
C LEU C 114 -0.98 21.26 31.16
N TRP C 115 -1.59 20.13 31.55
CA TRP C 115 -2.10 19.21 30.58
C TRP C 115 -3.10 19.93 29.71
N LEU C 116 -3.87 20.82 30.32
CA LEU C 116 -4.92 21.51 29.56
C LEU C 116 -4.31 22.56 28.65
N ILE C 117 -3.21 23.14 29.09
CA ILE C 117 -2.56 24.13 28.30
C ILE C 117 -1.97 23.46 27.07
N ALA C 118 -1.25 22.37 27.27
CA ALA C 118 -0.67 21.63 26.13
C ALA C 118 -1.75 21.17 25.15
N SER C 119 -2.90 20.74 25.67
CA SER C 119 -3.99 20.26 24.84
C SER C 119 -4.61 21.38 24.01
N PHE C 120 -4.77 22.55 24.64
CA PHE C 120 -5.29 23.70 23.94
C PHE C 120 -4.38 23.94 22.71
N PHE C 121 -3.07 23.87 22.93
CA PHE C 121 -2.13 24.18 21.88
C PHE C 121 -2.25 23.11 20.77
N MET C 122 -2.52 21.86 21.20
CA MET C 122 -2.61 20.76 20.26
C MET C 122 -3.86 20.93 19.41
N PHE C 123 -4.94 21.31 20.07
CA PHE C 123 -6.22 21.53 19.43
C PHE C 123 -6.04 22.54 18.30
N VAL C 124 -5.40 23.68 18.56
CA VAL C 124 -5.35 24.69 17.52
C VAL C 124 -4.30 24.32 16.47
N ALA C 125 -3.24 23.66 16.87
CA ALA C 125 -2.27 23.15 15.91
C ALA C 125 -2.89 22.25 14.80
N VAL C 126 -3.70 21.29 15.23
CA VAL C 126 -4.26 20.32 14.38
C VAL C 126 -5.37 20.89 13.48
N TRP C 127 -6.27 21.67 14.07
CA TRP C 127 -7.39 22.16 13.31
C TRP C 127 -6.93 23.23 12.32
N SER C 128 -5.93 24.03 12.69
CA SER C 128 -5.36 24.94 11.71
C SER C 128 -4.62 24.14 10.61
N TRP C 129 -4.02 23.00 10.96
CA TRP C 129 -3.35 22.14 9.99
C TRP C 129 -4.37 21.52 9.05
N TRP C 130 -5.52 21.11 9.62
CA TRP C 130 -6.61 20.69 8.79
C TRP C 130 -7.00 21.82 7.79
N GLY C 131 -7.17 23.06 8.30
CA GLY C 131 -7.62 24.14 7.44
C GLY C 131 -6.64 24.31 6.28
N ARG C 132 -5.37 24.14 6.59
CA ARG C 132 -4.31 24.29 5.64
C ARG C 132 -4.36 23.19 4.55
N THR C 133 -4.76 22.01 4.99
CA THR C 133 -4.97 20.90 4.09
C THR C 133 -6.06 21.22 3.03
N TYR C 134 -7.10 21.90 3.45
CA TYR C 134 -8.21 22.25 2.57
C TYR C 134 -7.78 23.39 1.58
N LEU C 135 -7.28 24.49 2.19
CA LEU C 135 -6.69 25.62 1.50
C LEU C 135 -5.60 25.36 0.48
N ARG C 136 -4.61 24.52 0.77
CA ARG C 136 -3.56 24.28 -0.26
C ARG C 136 -4.11 23.57 -1.48
N ALA C 137 -5.17 22.78 -1.27
CA ALA C 137 -5.84 22.08 -2.38
C ALA C 137 -6.69 23.05 -3.22
N GLN C 138 -7.43 23.93 -2.55
CA GLN C 138 -8.22 24.93 -3.19
C GLN C 138 -7.32 25.83 -4.03
N ALA C 139 -6.19 26.26 -3.47
CA ALA C 139 -5.38 27.19 -4.23
C ALA C 139 -4.98 26.54 -5.53
N LEU C 140 -4.88 25.22 -5.54
CA LEU C 140 -4.30 24.51 -6.71
C LEU C 140 -5.46 23.96 -7.55
N GLY C 141 -6.68 24.23 -7.12
CA GLY C 141 -7.84 23.79 -7.93
C GLY C 141 -8.23 22.33 -7.75
N MET C 142 -7.65 21.68 -6.72
CA MET C 142 -7.73 20.23 -6.53
C MET C 142 -8.96 19.84 -5.68
N GLY C 143 -9.42 18.59 -5.83
CA GLY C 143 -10.43 18.04 -4.93
C GLY C 143 -9.97 18.16 -3.47
N LYS C 144 -10.93 17.99 -2.56
CA LYS C 144 -10.68 18.16 -1.13
C LYS C 144 -10.50 16.81 -0.38
N HIS C 145 -10.15 15.77 -1.13
CA HIS C 145 -10.00 14.42 -0.61
C HIS C 145 -9.00 14.36 0.56
N THR C 146 -7.89 15.03 0.44
CA THR C 146 -6.91 15.01 1.49
C THR C 146 -7.52 15.53 2.79
N ALA C 147 -8.21 16.67 2.74
CA ALA C 147 -8.80 17.19 3.93
C ALA C 147 -9.93 16.27 4.48
N TRP C 148 -10.77 15.73 3.59
CA TRP C 148 -11.80 14.76 4.04
C TRP C 148 -11.22 13.53 4.71
N ALA C 149 -10.14 12.99 4.15
CA ALA C 149 -9.44 11.88 4.78
C ALA C 149 -8.80 12.28 6.13
N PHE C 150 -8.10 13.42 6.16
CA PHE C 150 -7.44 13.87 7.39
C PHE C 150 -8.49 13.93 8.53
N LEU C 151 -9.71 14.26 8.15
CA LEU C 151 -10.78 14.46 9.08
C LEU C 151 -11.14 13.14 9.84
N SER C 152 -11.00 12.02 9.13
CA SER C 152 -11.22 10.72 9.69
C SER C 152 -10.22 10.43 10.81
N ALA C 153 -8.94 10.79 10.62
CA ALA C 153 -7.93 10.67 11.68
C ALA C 153 -8.21 11.68 12.84
N ILE C 154 -8.65 12.88 12.48
CA ILE C 154 -8.89 13.91 13.46
C ILE C 154 -10.03 13.40 14.31
N TRP C 155 -10.94 12.65 13.68
CA TRP C 155 -12.10 12.11 14.40
C TRP C 155 -11.67 11.23 15.62
N LEU C 156 -10.80 10.24 15.41
CA LEU C 156 -10.31 9.42 16.51
C LEU C 156 -9.62 10.28 17.60
N TRP C 157 -8.74 11.17 17.18
CA TRP C 157 -8.04 12.09 18.07
C TRP C 157 -9.00 12.95 18.91
N MET C 158 -10.00 13.55 18.26
CA MET C 158 -11.02 14.31 18.96
C MET C 158 -11.75 13.47 19.99
N VAL C 159 -12.14 12.26 19.61
CA VAL C 159 -12.89 11.40 20.47
C VAL C 159 -12.06 11.06 21.71
N LEU C 160 -10.80 10.69 21.50
CA LEU C 160 -9.92 10.36 22.61
C LEU C 160 -9.69 11.52 23.59
N GLY C 161 -9.45 12.74 23.11
CA GLY C 161 -8.93 13.79 23.96
C GLY C 161 -9.96 14.83 24.35
N PHE C 162 -11.13 14.80 23.69
CA PHE C 162 -12.11 15.91 23.81
C PHE C 162 -13.53 15.39 23.90
N ILE C 163 -14.06 14.79 22.84
CA ILE C 163 -15.49 14.43 22.84
C ILE C 163 -15.85 13.39 23.90
N ARG C 164 -15.04 12.33 24.01
CA ARG C 164 -15.36 11.28 25.00
C ARG C 164 -15.11 11.80 26.42
N PRO C 165 -14.00 12.51 26.66
CA PRO C 165 -13.85 13.10 27.98
C PRO C 165 -15.05 13.97 28.40
N ILE C 166 -15.55 14.78 27.48
CA ILE C 166 -16.65 15.68 27.78
C ILE C 166 -17.91 14.90 28.04
N LEU C 167 -18.21 13.91 27.20
CA LEU C 167 -19.37 13.09 27.45
C LEU C 167 -19.31 12.31 28.76
N MET C 168 -18.11 11.94 29.19
CA MET C 168 -17.91 11.19 30.42
C MET C 168 -17.87 12.10 31.65
N GLY C 169 -17.83 13.42 31.46
CA GLY C 169 -17.86 14.36 32.56
C GLY C 169 -16.53 14.71 33.19
N SER C 170 -15.39 14.22 32.68
CA SER C 170 -14.10 14.71 33.21
C SER C 170 -12.92 14.60 32.26
N TRP C 171 -11.94 15.49 32.45
CA TRP C 171 -10.71 15.49 31.68
C TRP C 171 -9.83 14.31 32.04
N SER C 172 -10.12 13.67 33.17
CA SER C 172 -9.26 12.61 33.71
C SER C 172 -9.35 11.45 32.75
N GLU C 173 -10.39 11.43 31.93
CA GLU C 173 -10.56 10.34 30.95
C GLU C 173 -9.63 10.37 29.73
N ALA C 174 -9.06 11.55 29.43
CA ALA C 174 -8.24 11.76 28.21
C ALA C 174 -6.87 11.08 28.30
N VAL C 175 -6.10 11.15 27.22
CA VAL C 175 -4.84 10.45 27.14
C VAL C 175 -3.73 11.36 27.63
N PRO C 176 -2.82 10.80 28.45
CA PRO C 176 -1.70 11.64 28.94
C PRO C 176 -0.65 11.73 27.85
N TYR C 177 0.22 12.74 27.93
CA TYR C 177 1.32 12.89 27.02
C TYR C 177 2.56 12.23 27.60
N GLY C 178 2.81 10.99 27.21
CA GLY C 178 4.10 10.40 27.46
C GLY C 178 4.23 9.15 26.65
N ILE C 179 5.45 8.73 26.41
CA ILE C 179 5.63 7.56 25.60
C ILE C 179 5.01 6.30 26.27
N PHE C 180 5.53 5.88 27.41
CA PHE C 180 5.01 4.68 28.09
C PHE C 180 3.62 4.94 28.68
N SER C 181 3.40 6.15 29.20
CA SER C 181 2.15 6.36 29.88
C SER C 181 0.99 6.20 28.89
N HIS C 182 1.16 6.60 27.62
CA HIS C 182 0.01 6.47 26.73
C HIS C 182 -0.26 4.99 26.36
N LEU C 183 0.78 4.17 26.34
CA LEU C 183 0.58 2.72 26.18
C LEU C 183 -0.16 2.12 27.40
N ASP C 184 0.27 2.51 28.60
CA ASP C 184 -0.44 2.11 29.81
C ASP C 184 -1.89 2.52 29.74
N TRP C 185 -2.14 3.77 29.37
CA TRP C 185 -3.53 4.24 29.22
C TRP C 185 -4.30 3.31 28.25
N THR C 186 -3.67 2.88 27.17
CA THR C 186 -4.39 2.10 26.16
C THR C 186 -4.78 0.72 26.70
N ASN C 187 -3.80 0.06 27.29
CA ASN C 187 -4.03 -1.22 27.97
C ASN C 187 -5.10 -1.13 29.05
N ASN C 188 -4.97 -0.13 29.92
CA ASN C 188 -5.96 0.15 30.96
C ASN C 188 -7.37 0.36 30.40
N PHE C 189 -7.47 1.15 29.33
CA PHE C 189 -8.75 1.43 28.68
C PHE C 189 -9.46 0.16 28.32
N SER C 190 -8.72 -0.81 27.79
CA SER C 190 -9.33 -2.06 27.36
C SER C 190 -9.80 -2.90 28.59
N LEU C 191 -8.95 -3.00 29.62
CA LEU C 191 -9.29 -3.80 30.85
C LEU C 191 -10.55 -3.30 31.51
N VAL C 192 -10.59 -1.99 31.67
CA VAL C 192 -11.69 -1.30 32.31
C VAL C 192 -12.99 -1.39 31.51
N HIS C 193 -12.90 -1.72 30.20
CA HIS C 193 -14.14 -1.84 29.40
C HIS C 193 -14.39 -3.23 28.96
N GLY C 194 -13.75 -4.17 29.68
CA GLY C 194 -14.10 -5.59 29.60
C GLY C 194 -13.64 -6.19 28.27
N ASN C 195 -12.51 -5.64 27.78
CA ASN C 195 -11.73 -6.22 26.70
C ASN C 195 -12.22 -5.74 25.31
N LEU C 196 -11.43 -4.84 24.71
CA LEU C 196 -11.80 -4.18 23.50
C LEU C 196 -11.84 -5.18 22.33
N PHE C 197 -11.23 -6.36 22.47
CA PHE C 197 -11.41 -7.34 21.40
C PHE C 197 -12.89 -7.66 21.18
N TYR C 198 -13.79 -7.32 22.11
CA TYR C 198 -15.22 -7.64 21.90
C TYR C 198 -16.05 -6.42 21.43
N ASN C 199 -15.38 -5.28 21.33
CA ASN C 199 -15.96 -4.14 20.69
C ASN C 199 -16.01 -4.36 19.17
N PRO C 200 -17.19 -4.52 18.59
CA PRO C 200 -17.26 -4.87 17.15
C PRO C 200 -16.67 -3.74 16.29
N PHE C 201 -16.83 -2.49 16.68
CA PHE C 201 -16.06 -1.48 16.03
C PHE C 201 -14.55 -1.59 16.08
N HIS C 202 -14.01 -2.13 17.20
CA HIS C 202 -12.57 -2.40 17.35
C HIS C 202 -12.18 -3.50 16.41
N GLY C 203 -13.00 -4.54 16.31
CA GLY C 203 -12.67 -5.60 15.39
C GLY C 203 -12.68 -5.15 13.92
N LEU C 204 -13.61 -4.27 13.59
CA LEU C 204 -13.71 -3.67 12.31
C LEU C 204 -12.47 -2.77 12.02
N SER C 205 -12.14 -1.93 12.99
CA SER C 205 -10.98 -1.06 12.86
C SER C 205 -9.72 -1.93 12.55
N ILE C 206 -9.60 -3.07 13.19
CA ILE C 206 -8.47 -3.92 12.92
C ILE C 206 -8.54 -4.50 11.47
N ALA C 207 -9.71 -4.97 11.05
CA ALA C 207 -9.87 -5.56 9.74
C ALA C 207 -9.37 -4.47 8.71
N PHE C 208 -9.71 -3.18 8.96
CA PHE C 208 -9.27 -2.08 8.04
C PHE C 208 -7.79 -1.77 8.10
N LEU C 209 -7.23 -1.85 9.32
CA LEU C 209 -5.79 -1.64 9.53
C LEU C 209 -5.00 -2.72 8.84
N TYR C 210 -5.37 -3.99 9.06
CA TYR C 210 -4.71 -5.08 8.33
C TYR C 210 -5.02 -4.91 6.80
N GLY C 211 -6.28 -4.59 6.49
CA GLY C 211 -6.70 -4.46 5.10
C GLY C 211 -5.90 -3.38 4.36
N SER C 212 -5.50 -2.33 5.09
CA SER C 212 -4.72 -1.25 4.50
C SER C 212 -3.37 -1.72 4.19
N ALA C 213 -2.80 -2.58 5.03
CA ALA C 213 -1.49 -3.13 4.66
C ALA C 213 -1.59 -4.13 3.51
N LEU C 214 -2.60 -4.98 3.60
CA LEU C 214 -2.91 -5.88 2.50
C LEU C 214 -2.99 -5.07 1.13
N LEU C 215 -3.75 -3.97 1.15
CA LEU C 215 -4.13 -3.28 -0.05
C LEU C 215 -2.95 -2.43 -0.60
N PHE C 216 -2.21 -1.82 0.32
CA PHE C 216 -1.02 -1.11 -0.12
C PHE C 216 0.06 -2.07 -0.54
N ALA C 217 0.17 -3.22 0.10
CA ALA C 217 1.12 -4.22 -0.43
C ALA C 217 0.67 -4.60 -1.87
N MET C 218 -0.62 -4.87 -2.02
CA MET C 218 -1.11 -5.26 -3.33
C MET C 218 -0.81 -4.18 -4.39
N HIS C 219 -1.13 -2.95 -4.04
CA HIS C 219 -1.19 -1.88 -5.00
C HIS C 219 0.23 -1.39 -5.34
N GLY C 220 1.03 -1.21 -4.27
CA GLY C 220 2.42 -0.82 -4.40
C GLY C 220 3.12 -1.82 -5.24
N ALA C 221 2.87 -3.12 -4.99
CA ALA C 221 3.56 -4.17 -5.73
C ALA C 221 3.04 -4.17 -7.17
N THR C 222 1.75 -3.90 -7.34
CA THR C 222 1.16 -3.96 -8.69
C THR C 222 1.78 -2.87 -9.57
N ILE C 223 1.77 -1.63 -9.06
CA ILE C 223 2.31 -0.50 -9.77
C ILE C 223 3.80 -0.66 -10.05
N LEU C 224 4.58 -1.12 -9.09
CA LEU C 224 5.95 -1.47 -9.43
C LEU C 224 6.02 -2.58 -10.47
N ALA C 225 5.14 -3.58 -10.39
CA ALA C 225 5.25 -4.71 -11.33
C ALA C 225 5.01 -4.23 -12.80
N VAL C 226 4.15 -3.20 -12.96
CA VAL C 226 3.87 -2.67 -14.28
C VAL C 226 4.60 -1.32 -14.53
N SER C 227 5.61 -0.99 -13.70
CA SER C 227 6.31 0.28 -13.88
C SER C 227 7.18 0.24 -15.19
N ARG C 228 7.43 -0.94 -15.70
CA ARG C 228 8.12 -1.13 -16.95
C ARG C 228 7.23 -0.80 -18.14
N PHE C 229 5.98 -0.42 -17.86
CA PHE C 229 5.06 0.16 -18.91
C PHE C 229 4.57 1.53 -18.49
N GLY C 230 5.21 2.13 -17.51
CA GLY C 230 4.83 3.46 -17.07
C GLY C 230 3.66 3.48 -16.15
N GLY C 231 3.40 2.33 -15.52
CA GLY C 231 2.31 2.22 -14.56
C GLY C 231 2.16 3.34 -13.57
N GLU C 232 3.28 3.91 -13.06
CA GLU C 232 3.08 4.88 -11.95
C GLU C 232 2.57 6.24 -12.41
N ARG C 233 2.51 6.43 -13.73
CA ARG C 233 1.85 7.61 -14.26
C ARG C 233 0.37 7.46 -14.28
N GLU C 234 -0.19 7.49 -13.09
CA GLU C 234 -1.54 7.00 -12.92
C GLU C 234 -2.57 7.98 -13.49
N LEU C 235 -2.33 9.29 -13.34
CA LEU C 235 -3.30 10.28 -13.91
C LEU C 235 -3.45 10.08 -15.43
N GLU C 236 -2.38 9.83 -16.14
CA GLU C 236 -2.50 9.73 -17.59
C GLU C 236 -3.06 8.35 -17.97
N GLN C 237 -2.78 7.33 -17.16
CA GLN C 237 -3.44 6.01 -17.30
C GLN C 237 -4.97 6.12 -17.07
N ILE C 238 -5.40 7.03 -16.19
CA ILE C 238 -6.78 7.20 -15.96
C ILE C 238 -7.38 7.85 -17.22
N ALA C 239 -6.70 8.88 -17.71
CA ALA C 239 -7.20 9.67 -18.83
C ALA C 239 -7.11 8.82 -20.09
N ASP C 240 -6.20 7.89 -20.15
CA ASP C 240 -5.96 7.23 -21.40
C ASP C 240 -5.26 5.90 -21.12
N ARG C 241 -6.09 4.95 -20.76
CA ARG C 241 -5.69 3.60 -20.36
C ARG C 241 -4.58 3.04 -21.21
N GLY C 242 -3.52 2.56 -20.56
CA GLY C 242 -2.40 1.94 -21.31
C GLY C 242 -2.28 0.45 -21.06
N THR C 243 -1.26 -0.18 -21.63
CA THR C 243 -1.06 -1.61 -21.30
C THR C 243 -0.70 -1.88 -19.78
N ALA C 244 -0.06 -0.89 -19.14
CA ALA C 244 0.26 -0.99 -17.71
C ALA C 244 -1.00 -1.25 -16.94
N ALA C 245 -2.02 -0.39 -17.13
CA ALA C 245 -3.29 -0.50 -16.46
C ALA C 245 -4.05 -1.75 -16.86
N GLU C 246 -3.83 -2.21 -18.07
CA GLU C 246 -4.53 -3.46 -18.48
C GLU C 246 -3.89 -4.67 -17.88
N ARG C 247 -2.55 -4.74 -17.88
CA ARG C 247 -1.90 -5.91 -17.28
C ARG C 247 -2.13 -5.98 -15.75
N ALA C 248 -2.22 -4.84 -15.10
CA ALA C 248 -2.45 -4.75 -13.68
C ALA C 248 -3.85 -5.29 -13.34
N ALA C 249 -4.86 -4.78 -14.06
CA ALA C 249 -6.23 -5.29 -13.90
C ALA C 249 -6.31 -6.81 -14.10
N LEU C 250 -5.63 -7.30 -15.13
CA LEU C 250 -5.76 -8.68 -15.50
C LEU C 250 -4.99 -9.62 -14.57
N PHE C 251 -3.89 -9.14 -14.00
CA PHE C 251 -3.27 -9.92 -12.97
C PHE C 251 -4.34 -10.21 -11.89
N TRP C 252 -5.12 -9.21 -11.50
CA TRP C 252 -6.03 -9.42 -10.42
C TRP C 252 -7.26 -10.19 -10.84
N ARG C 253 -7.68 -10.00 -12.09
CA ARG C 253 -8.88 -10.65 -12.58
C ARG C 253 -8.57 -12.14 -12.63
N TRP C 254 -7.42 -12.49 -13.17
CA TRP C 254 -7.03 -13.88 -13.29
C TRP C 254 -6.75 -14.56 -11.93
N THR C 255 -6.28 -13.78 -10.97
CA THR C 255 -5.96 -14.30 -9.64
C THR C 255 -7.23 -14.51 -8.78
N MET C 256 -8.07 -13.48 -8.66
CA MET C 256 -9.10 -13.51 -7.68
C MET C 256 -10.45 -13.22 -8.27
N GLY C 257 -10.52 -13.11 -9.60
CA GLY C 257 -11.83 -13.11 -10.26
C GLY C 257 -12.46 -11.75 -10.46
N PHE C 258 -11.81 -10.67 -10.00
CA PHE C 258 -12.30 -9.33 -10.30
C PHE C 258 -11.15 -8.33 -10.17
N ASN C 259 -11.39 -7.07 -10.47
CA ASN C 259 -10.29 -6.13 -10.51
C ASN C 259 -10.77 -4.69 -10.45
N ALA C 260 -9.81 -3.77 -10.46
CA ALA C 260 -10.12 -2.40 -10.29
C ALA C 260 -9.76 -1.70 -11.64
N THR C 261 -9.94 -0.38 -11.62
CA THR C 261 -9.35 0.49 -12.59
C THR C 261 -8.24 1.30 -11.95
N MET C 262 -7.46 1.95 -12.80
CA MET C 262 -6.44 2.90 -12.35
C MET C 262 -7.00 4.01 -11.46
N GLU C 263 -8.18 4.51 -11.76
CA GLU C 263 -8.77 5.45 -10.83
C GLU C 263 -9.39 4.70 -9.63
N GLY C 264 -10.19 3.67 -9.89
CA GLY C 264 -11.01 3.12 -8.78
C GLY C 264 -10.17 2.42 -7.68
N ILE C 265 -9.00 1.88 -8.00
CA ILE C 265 -8.13 1.37 -6.94
C ILE C 265 -7.84 2.44 -5.86
N HIS C 266 -7.92 3.73 -6.25
CA HIS C 266 -7.54 4.84 -5.35
C HIS C 266 -8.73 5.12 -4.49
N ARG C 267 -9.91 4.75 -4.97
CA ARG C 267 -11.10 4.85 -4.12
C ARG C 267 -11.18 3.70 -3.06
N TRP C 268 -10.88 2.46 -3.50
CA TRP C 268 -10.70 1.37 -2.57
C TRP C 268 -9.68 1.77 -1.47
N ALA C 269 -8.52 2.28 -1.93
CA ALA C 269 -7.49 2.83 -1.08
C ALA C 269 -7.98 3.80 -0.04
N ILE C 270 -8.61 4.90 -0.46
CA ILE C 270 -8.79 5.99 0.47
C ILE C 270 -9.76 5.47 1.50
N TRP C 271 -10.70 4.61 1.08
CA TRP C 271 -11.73 4.13 2.01
C TRP C 271 -11.23 3.00 2.98
N MET C 272 -10.41 2.06 2.50
CA MET C 272 -9.81 1.07 3.36
C MET C 272 -9.13 1.84 4.51
N ALA C 273 -8.35 2.88 4.18
CA ALA C 273 -7.61 3.64 5.22
C ALA C 273 -8.52 4.42 6.14
N VAL C 274 -9.43 5.19 5.58
CA VAL C 274 -10.20 6.15 6.35
C VAL C 274 -11.12 5.39 7.32
N LEU C 275 -11.50 4.17 6.95
CA LEU C 275 -12.40 3.41 7.79
C LEU C 275 -11.70 2.89 9.09
N VAL C 276 -10.35 2.81 9.08
CA VAL C 276 -9.61 2.49 10.31
C VAL C 276 -10.05 3.41 11.42
N THR C 277 -9.85 4.70 11.21
CA THR C 277 -10.13 5.69 12.24
C THR C 277 -11.59 6.07 12.37
N LEU C 278 -12.41 5.76 11.37
CA LEU C 278 -13.80 6.08 11.50
C LEU C 278 -14.48 5.08 12.43
N THR C 279 -14.35 3.79 12.12
CA THR C 279 -14.94 2.75 12.99
C THR C 279 -14.23 2.84 14.35
N GLY C 280 -12.92 3.09 14.33
CA GLY C 280 -12.17 3.25 15.59
C GLY C 280 -12.78 4.30 16.49
N GLY C 281 -13.12 5.46 15.95
CA GLY C 281 -13.56 6.53 16.83
C GLY C 281 -14.93 6.22 17.39
N ILE C 282 -15.75 5.57 16.58
CA ILE C 282 -17.04 5.13 17.01
C ILE C 282 -16.92 4.13 18.20
N GLY C 283 -16.04 3.15 18.06
CA GLY C 283 -15.85 2.13 19.08
C GLY C 283 -15.43 2.73 20.41
N ILE C 284 -14.48 3.67 20.38
CA ILE C 284 -14.01 4.38 21.55
C ILE C 284 -15.14 5.24 22.11
N LEU C 285 -15.83 5.99 21.26
CA LEU C 285 -16.79 6.96 21.74
C LEU C 285 -17.95 6.24 22.49
N LEU C 286 -18.28 5.04 22.08
CA LEU C 286 -19.35 4.24 22.68
C LEU C 286 -18.93 3.66 24.04
N SER C 287 -17.61 3.57 24.24
CA SER C 287 -17.06 2.87 25.37
C SER C 287 -17.21 3.70 26.63
N GLY C 288 -18.03 3.19 27.54
CA GLY C 288 -18.24 3.77 28.85
C GLY C 288 -19.25 4.89 28.80
N THR C 289 -19.65 5.30 27.59
CA THR C 289 -20.72 6.28 27.50
C THR C 289 -22.02 5.50 27.47
N VAL C 290 -22.01 4.39 26.72
CA VAL C 290 -23.20 3.62 26.40
C VAL C 290 -22.94 2.14 26.75
N VAL C 291 -21.68 1.74 26.71
CA VAL C 291 -21.34 0.35 26.92
C VAL C 291 -20.15 0.33 27.88
N ASP C 292 -20.37 -0.30 29.04
CA ASP C 292 -19.39 -0.26 30.13
C ASP C 292 -18.46 -1.41 29.96
N ASN C 293 -18.93 -2.44 29.26
CA ASN C 293 -18.17 -3.69 29.24
C ASN C 293 -18.47 -4.49 27.98
N TRP C 294 -17.49 -4.67 27.12
CA TRP C 294 -17.83 -5.23 25.82
C TRP C 294 -18.15 -6.71 25.86
N TYR C 295 -17.50 -7.43 26.75
CA TYR C 295 -17.76 -8.86 26.94
C TYR C 295 -19.25 -9.05 27.28
N VAL C 296 -19.75 -8.14 28.13
CA VAL C 296 -21.13 -8.21 28.56
C VAL C 296 -22.07 -7.91 27.39
N TRP C 297 -21.77 -6.83 26.67
CA TRP C 297 -22.58 -6.35 25.57
C TRP C 297 -22.62 -7.46 24.54
N GLY C 298 -21.50 -8.11 24.33
CA GLY C 298 -21.45 -9.20 23.35
C GLY C 298 -22.29 -10.43 23.69
N GLN C 299 -22.59 -10.61 24.98
CA GLN C 299 -23.33 -11.79 25.42
C GLN C 299 -24.78 -11.48 25.16
N ASN C 300 -25.11 -10.20 25.12
CA ASN C 300 -26.47 -9.78 24.84
C ASN C 300 -26.87 -9.44 23.39
N HIS C 301 -25.95 -9.63 22.43
CA HIS C 301 -26.06 -8.99 21.13
C HIS C 301 -25.42 -9.79 19.97
N GLY C 302 -25.58 -11.12 19.96
CA GLY C 302 -24.71 -12.07 19.19
C GLY C 302 -23.21 -11.89 19.48
N1 LDA D . -28.44 0.70 -3.42
O1 LDA D . -29.12 0.15 -4.33
CM1 LDA D . -27.68 1.81 -4.04
CM2 LDA D . -29.36 1.29 -2.42
C1 LDA D . -27.54 -0.27 -2.73
C2 LDA D . -27.81 -1.73 -3.18
C3 LDA D . -27.49 -2.80 -2.14
C4 LDA D . -26.03 -3.24 -2.14
C5 LDA D . -25.80 -4.75 -1.99
C6 LDA D . -24.35 -5.15 -2.31
C7 LDA D . -23.66 -6.01 -1.25
C8 LDA D . -22.25 -6.40 -1.69
C9 LDA D . -21.52 -7.27 -0.67
C10 LDA D . -20.26 -7.93 -1.24
C11 LDA D . -19.88 -9.18 -0.46
C12 LDA D . -18.41 -9.53 -0.66
C1 LDA E . -26.63 -6.51 6.12
C2 LDA E . -25.68 -7.20 5.13
C3 LDA E . -24.23 -6.74 5.27
C4 LDA E . -23.26 -7.52 4.38
C5 LDA E . -22.12 -6.60 3.93
C6 LDA E . -20.77 -7.16 4.31
C7 LDA E . -19.69 -6.74 3.32
C8 LDA E . -18.34 -7.25 3.79
C9 LDA E . -17.71 -8.24 2.83
C10 LDA E . -16.26 -8.48 3.26
C11 LDA E . -15.55 -9.45 2.30
C12 LDA E . -14.34 -10.13 2.95
N1 LDA F . -31.03 -4.30 -6.04
O1 LDA F . -30.88 -3.38 -6.89
CM1 LDA F . -30.78 -3.77 -4.68
CM2 LDA F . -32.42 -4.81 -6.11
C1 LDA F . -30.10 -5.41 -6.34
C2 LDA F . -28.86 -4.82 -7.06
C3 LDA F . -27.76 -5.86 -7.17
C4 LDA F . -27.00 -6.10 -5.87
C5 LDA F . -25.78 -7.00 -6.09
C6 LDA F . -25.28 -7.69 -4.82
C7 LDA F . -24.48 -8.94 -5.14
C8 LDA F . -23.15 -9.03 -4.39
C9 LDA F . -22.38 -10.29 -4.80
C10 LDA F . -21.10 -10.49 -3.99
C11 LDA F . -20.12 -11.43 -4.69
C12 LDA F . -19.15 -12.07 -3.70
N1 LDA G . -23.73 -9.40 9.68
O1 LDA G . -24.55 -8.45 9.67
CM1 LDA G . -22.97 -9.39 10.97
CM2 LDA G . -24.53 -10.65 9.60
C1 LDA G . -22.85 -9.22 8.54
C2 LDA G . -21.59 -10.09 8.66
C3 LDA G . -20.53 -9.75 7.59
C4 LDA G . -19.51 -10.89 7.43
C5 LDA G . -18.47 -10.68 6.33
C6 LDA G . -17.30 -11.67 6.44
C7 LDA G . -17.31 -12.71 5.30
C8 LDA G . -16.21 -13.79 5.31
C9 LDA G . -16.67 -15.11 4.66
C10 LDA G . -15.63 -15.83 3.80
C11 LDA G . -16.13 -17.23 3.40
C12 LDA G . -15.50 -17.77 2.11
N1 LDA H . -19.25 10.38 -3.21
O1 LDA H . -18.33 11.16 -3.55
CM1 LDA H . -20.13 11.17 -2.32
CM2 LDA H . -20.00 9.99 -4.44
C1 LDA H . -18.66 9.22 -2.51
C2 LDA H . -19.67 8.08 -2.22
C3 LDA H . -19.74 7.67 -0.74
C4 LDA H . -20.21 6.22 -0.49
C5 LDA H . -21.74 6.06 -0.47
C6 LDA H . -22.21 4.85 0.32
C7 LDA H . -23.59 5.11 0.93
C8 LDA H . -24.21 3.87 1.57
C9 LDA H . -25.63 4.20 2.05
C10 LDA H . -26.50 2.96 2.29
C11 LDA H . -27.57 2.70 1.21
C12 LDA H . -28.01 1.23 1.14
MG BCL I . -0.27 -6.70 19.19
CHA BCL I . 0.44 -9.24 16.87
CHB BCL I . -0.67 -4.61 16.49
CHC BCL I . -1.84 -4.46 21.18
CHD BCL I . -0.58 -9.15 21.63
NA BCL I . -0.11 -6.90 17.13
C1A BCL I . 0.31 -7.97 16.38
C2A BCL I . 0.52 -7.66 14.90
C3A BCL I . 0.64 -6.12 14.98
C4A BCL I . -0.07 -5.82 16.29
CMA BCL I . 2.12 -5.73 15.03
CAA BCL I . -0.70 -8.11 14.07
CBA BCL I . -0.50 -8.12 12.54
CGA BCL I . 0.20 -9.33 11.94
O1A BCL I . 0.95 -10.02 12.59
O2A BCL I . 0.03 -9.61 10.63
NB BCL I . -1.16 -4.94 18.88
C1B BCL I . -1.19 -4.16 17.69
C2B BCL I . -1.79 -2.94 17.89
C3B BCL I . -2.13 -2.85 19.26
C4B BCL I . -1.74 -4.07 19.85
CMB BCL I . -2.01 -1.89 16.83
CAB BCL I . -2.78 -1.71 19.96
OBB BCL I . -2.91 -1.74 21.16
CBB BCL I . -3.28 -0.46 19.28
NC BCL I . -1.19 -6.83 21.01
C1C BCL I . -1.67 -5.74 21.69
C2C BCL I . -2.05 -6.09 23.10
C3C BCL I . -1.80 -7.60 23.18
C4C BCL I . -1.11 -7.90 21.85
CMC BCL I . -1.14 -5.31 24.08
CAC BCL I . -3.10 -8.40 23.27
CBC BCL I . -3.83 -8.20 24.63
ND BCL I . -0.21 -8.66 19.31
C1D BCL I . -0.28 -9.57 20.35
C2D BCL I . -0.07 -10.88 19.95
C3D BCL I . 0.27 -10.85 18.62
C4D BCL I . 0.17 -9.50 18.25
CMD BCL I . -0.10 -12.15 20.80
CAD BCL I . 0.58 -11.60 17.40
OBD BCL I . 0.69 -12.84 17.32
CBD BCL I . 0.64 -10.58 16.23
CGD BCL I . 1.88 -10.79 15.41
O1D BCL I . 2.86 -10.06 15.44
O2D BCL I . 1.88 -11.91 14.64
CED BCL I . 3.12 -12.27 13.93
C1 BCL I . 0.58 -10.78 10.00
C2 BCL I . -0.48 -11.35 9.07
C3 BCL I . -0.94 -12.59 9.08
C4 BCL I . -0.50 -13.57 10.14
C5 BCL I . -1.98 -13.00 8.02
C6 BCL I . -1.58 -14.22 7.18
C7 BCL I . -2.62 -14.37 6.03
C8 BCL I . -2.47 -15.69 5.26
C9 BCL I . -1.07 -15.81 4.64
C10 BCL I . -3.49 -15.86 4.14
C11 BCL I . -4.93 -15.94 4.65
C12 BCL I . -5.90 -16.59 3.63
C13 BCL I . -7.23 -16.72 4.34
C14 BCL I . -7.43 -18.11 4.97
C15 BCL I . -8.40 -16.22 3.47
C16 BCL I . -9.07 -17.28 2.58
C17 BCL I . -10.49 -16.89 2.12
C18 BCL I . -10.47 -15.68 1.14
C19 BCL I . -10.90 -14.42 1.93
C20 BCL I . -11.50 -15.86 0.00
MG BCL J . -7.23 -12.67 12.69
CHA BCL J . -9.59 -10.22 13.04
CHB BCL J . -8.82 -13.76 9.92
CHC BCL J . -4.54 -14.53 11.92
CHD BCL J . -5.37 -11.12 15.23
NA BCL J . -8.80 -12.01 11.65
C1A BCL J . -9.67 -11.07 11.98
C2A BCL J . -10.87 -11.00 11.04
C3A BCL J . -10.82 -12.40 10.42
C4A BCL J . -9.37 -12.79 10.67
CMA BCL J . -11.95 -13.35 10.93
CAA BCL J . -10.71 -9.92 9.90
CBA BCL J . -9.26 -9.96 9.33
CGA BCL J . -8.97 -9.00 8.18
O1A BCL J . -9.82 -8.31 7.71
O2A BCL J . -7.72 -8.84 7.70
NB BCL J . -6.78 -13.86 11.23
C1B BCL J . -7.60 -14.31 10.15
C2B BCL J . -6.93 -15.25 9.35
C3B BCL J . -5.67 -15.48 9.91
C4B BCL J . -5.57 -14.62 11.06
CMB BCL J . -7.42 -15.87 8.08
CAB BCL J . -4.62 -16.40 9.40
OBB BCL J . -3.46 -16.33 9.77
CBB BCL J . -4.90 -17.47 8.37
NC BCL J . -5.35 -12.83 13.45
C1C BCL J . -4.46 -13.76 13.08
C2C BCL J . -3.28 -13.81 13.98
C3C BCL J . -3.39 -12.48 14.72
C4C BCL J . -4.83 -12.14 14.50
CMC BCL J . -3.39 -14.97 14.99
CAC BCL J . -2.48 -11.37 14.10
CBC BCL J . -2.70 -11.24 12.56
ND BCL J . -7.33 -11.08 13.79
C1D BCL J . -6.64 -10.62 14.90
C2D BCL J . -7.33 -9.65 15.61
C3D BCL J . -8.51 -9.36 14.91
C4D BCL J . -8.47 -10.30 13.86
CMD BCL J . -6.84 -8.96 16.88
CAD BCL J . -9.78 -8.66 14.83
OBD BCL J . -10.14 -7.82 15.64
CBD BCL J . -10.52 -9.09 13.52
CGD BCL J . -11.85 -9.72 13.93
O1D BCL J . -12.92 -9.12 13.81
O2D BCL J . -11.85 -10.90 14.62
CED BCL J . -13.13 -11.52 15.06
C1 BCL J . -7.44 -8.06 6.52
C2 BCL J . -7.90 -8.81 5.29
C3 BCL J . -8.91 -8.45 4.50
C4 BCL J . -9.80 -7.23 4.68
C5 BCL J . -9.25 -9.38 3.37
C6 BCL J . -10.42 -10.30 3.75
C7 BCL J . -10.02 -11.40 4.77
C8 BCL J . -11.23 -12.29 5.13
C9 BCL J . -12.27 -11.47 5.94
C10 BCL J . -10.75 -13.52 5.95
C11 BCL J . -11.92 -14.46 6.35
C12 BCL J . -11.39 -15.74 7.01
C13 BCL J . -12.50 -16.76 7.31
C14 BCL J . -13.58 -16.16 8.23
C15 BCL J . -11.93 -18.06 7.93
C16 BCL J . -11.19 -18.93 6.90
C17 BCL J . -12.16 -19.03 5.74
C18 BCL J . -12.42 -20.43 5.17
C19 BCL J . -12.09 -21.57 6.15
C20 BCL J . -11.57 -20.56 3.91
N1 LDA K . -18.44 -14.95 -12.13
O1 LDA K . -18.39 -13.95 -12.90
CM1 LDA K . -19.60 -14.85 -11.21
CM2 LDA K . -18.66 -16.15 -12.98
C1 LDA K . -17.18 -15.05 -11.38
C2 LDA K . -16.94 -13.80 -10.50
C3 LDA K . -15.97 -14.09 -9.36
C4 LDA K . -16.24 -13.21 -8.15
C5 LDA K . -15.07 -13.26 -7.17
C6 LDA K . -15.43 -12.61 -5.84
C7 LDA K . -14.53 -13.04 -4.68
C8 LDA K . -15.01 -12.47 -3.33
C9 LDA K . -14.85 -13.48 -2.19
C10 LDA K . -15.46 -13.03 -0.86
C11 LDA K . -14.37 -12.73 0.17
C12 LDA K . -14.89 -12.56 1.60
O1D BPH L . -4.74 -12.75 -3.67
CGD BPH L . -4.27 -12.05 -2.79
O2D BPH L . -4.86 -10.91 -2.37
CED BPH L . -6.13 -10.70 -2.96
CBD BPH L . -3.04 -12.38 -2.01
CHA BPH L . -3.17 -12.08 -0.52
C4D BPH L . -2.24 -11.22 -0.09
C3D BPH L . -1.39 -10.78 -1.18
CAD BPH L . -1.87 -11.46 -2.40
OBD BPH L . -1.41 -11.42 -3.53
C2D BPH L . -0.47 -9.91 -0.67
CMD BPH L . 0.57 -9.18 -1.40
C1D BPH L . -0.73 -9.75 0.79
ND BPH L . -1.81 -10.56 1.02
CHD BPH L . -0.09 -8.94 1.68
C4C BPH L . -0.58 -8.92 3.07
C3C BPH L . -0.03 -7.85 4.00
CAC BPH L . 1.47 -7.56 3.85
CBC BPH L . 2.32 -8.85 3.80
C2C BPH L . -0.50 -8.46 5.35
CMC BPH L . -1.00 -7.38 6.35
C1C BPH L . -1.65 -9.34 4.92
NC BPH L . -1.57 -9.64 3.57
CHC BPH L . -2.57 -9.77 5.83
C4B BPH L . -3.70 -10.63 5.63
C3B BPH L . -4.62 -11.05 6.53
CAB BPH L . -4.64 -10.73 7.92
CBB BPH L . -4.04 -9.44 8.29
OBB BPH L . -5.21 -11.40 8.84
C2B BPH L . -5.55 -11.88 5.88
CMB BPH L . -6.70 -12.57 6.54
C1B BPH L . -5.18 -11.97 4.54
NB BPH L . -4.02 -11.23 4.41
CHB BPH L . -5.87 -12.62 3.46
C4A BPH L . -5.44 -12.75 2.17
C3A BPH L . -6.29 -13.32 1.08
CMA BPH L . -7.36 -12.32 0.70
C2A BPH L . -5.28 -13.55 -0.07
C1A BPH L . -4.16 -12.65 0.41
NA BPH L . -4.21 -12.36 1.66
CAA BPH L . -4.79 -14.98 -0.21
CBA BPH L . -5.90 -15.99 -0.58
CGA BPH L . -5.33 -17.41 -0.71
O1A BPH L . -4.25 -17.82 -0.28
O2A BPH L . -6.15 -18.24 -1.40
C1 BPH L . -5.67 -19.62 -1.31
C2 BPH L . -6.38 -20.21 -0.12
C3 BPH L . -7.73 -20.26 0.08
C4 BPH L . -8.81 -19.82 -0.91
C5 BPH L . -8.38 -20.74 1.39
C6 BPH L . -7.56 -21.70 2.27
C7 BPH L . -8.50 -22.20 3.37
C8 BPH L . -8.08 -23.50 4.10
C9 BPH L . -6.72 -24.06 3.70
C10 BPH L . -8.35 -23.54 5.62
C11 BPH L . -8.41 -22.27 6.47
C12 BPH L . -7.08 -22.05 7.17
C13 BPH L . -7.07 -21.36 8.53
C14 BPH L . -5.71 -20.72 8.74
C15 BPH L . -8.27 -20.48 8.85
C16 BPH L . -8.05 -19.51 9.98
C17 BPH L . -9.42 -19.03 10.52
C18 BPH L . -9.43 -17.62 11.20
C19 BPH L . -10.68 -17.31 11.99
C20 BPH L . -8.23 -17.30 12.11
C1 U10 M . 1.65 10.94 -2.03
C2 U10 M . 1.30 10.43 -3.33
C3 U10 M . 2.10 10.73 -4.45
C4 U10 M . 3.29 11.48 -4.24
C5 U10 M . 3.62 11.97 -2.95
C6 U10 M . 2.81 11.69 -1.85
C1M U10 M . 0.81 10.75 -0.80
C3M U10 M . 0.54 10.66 -6.37
C4M U10 M . 3.72 12.76 -6.16
C7 U10 M . 3.10 12.37 -0.55
C8 U10 M . 4.02 11.52 0.29
C9 U10 M . 5.07 12.18 1.07
C10 U10 M . 5.34 13.63 0.84
C11 U10 M . 5.83 11.40 2.12
C12 U10 M . 4.91 10.96 3.25
C13 U10 M . 5.77 10.50 4.42
C14 U10 M . 5.36 9.43 5.36
C15 U10 M . 3.94 8.94 5.29
C16 U10 M . 6.32 8.91 6.43
C17 U10 M . 7.48 8.03 5.94
C18 U10 M . 8.42 7.73 7.09
C19 U10 M . 9.40 6.61 7.14
C20 U10 M . 10.09 6.07 5.91
C21 U10 M . 9.82 5.97 8.47
C22 U10 M . 8.67 5.81 9.47
C23 U10 M . 9.28 5.38 10.78
C24 U10 M . 9.05 4.02 11.29
C25 U10 M . 7.73 3.43 10.98
C26 U10 M . 10.09 3.26 12.14
C27 U10 M . 10.51 3.54 13.08
C33 U10 M . 9.29 4.44 14.54
C34 U10 M . 9.33 4.88 15.94
C35 U10 M . 8.24 5.78 16.45
C36 U10 M . 10.47 4.47 16.86
C37 U10 M . 10.59 2.93 16.96
C38 U10 M . 10.26 2.45 18.39
C39 U10 M . 11.24 2.49 19.51
C40 U10 M . 12.20 1.35 19.77
C41 U10 M . 11.29 3.74 20.41
C42 U10 M . 10.18 4.77 20.11
C43 U10 M . 10.76 6.10 19.69
C44 U10 M . 9.97 7.34 19.45
C45 U10 M . 10.18 8.51 20.35
C46 U10 M . 9.00 7.47 18.29
O2 U10 M . 0.22 9.85 -3.56
O3 U10 M . 1.75 10.38 -5.64
O4 U10 M . 4.05 11.76 -5.22
O5 U10 M . 4.56 12.77 -2.76
MG BCL N . 0.31 6.12 20.10
CHA BCL N . 2.93 4.02 19.13
CHB BCL N . 2.11 8.75 19.01
CHC BCL N . -2.56 7.92 19.97
CHD BCL N . -1.49 3.31 20.87
NA BCL N . 2.09 6.32 19.12
C1A BCL N . 3.04 5.37 18.84
C2A BCL N . 4.31 5.94 18.22
C3A BCL N . 4.17 7.40 18.62
C4A BCL N . 2.70 7.54 18.95
CMA BCL N . 5.09 7.65 19.83
CAA BCL N . 4.44 5.82 16.67
CBA BCL N . 3.17 6.37 15.98
CGA BCL N . 3.16 6.38 14.46
O1A BCL N . 3.78 5.60 13.81
O2A BCL N . 2.34 7.25 13.82
NB BCL N . -0.16 7.93 19.57
C1B BCL N . 0.74 8.95 19.16
C2B BCL N . 0.10 10.15 18.96
C3B BCL N . -1.25 9.92 19.22
C4B BCL N . -1.41 8.57 19.61
CMB BCL N . 0.79 11.46 18.56
CAB BCL N . -2.30 10.92 19.11
OBB BCL N . -3.49 10.62 19.24
CBB BCL N . -1.92 12.33 18.79
NC BCL N . -1.67 5.71 20.28
C1C BCL N . -2.66 6.64 20.42
C2C BCL N . -3.92 6.06 21.08
C3C BCL N . -3.55 4.60 21.29
C4C BCL N . -2.11 4.52 20.78
CMC BCL N . -4.30 6.70 22.44
CAC BCL N . -4.42 3.64 20.48
CBC BCL N . -4.23 3.94 18.98
ND BCL N . 0.56 4.20 19.90
C1D BCL N . -0.19 3.12 20.44
C2D BCL N . 0.48 1.92 20.45
C3D BCL N . 1.77 2.16 19.95
C4D BCL N . 1.74 3.54 19.63
CMD BCL N . -0.09 0.62 20.99
CAD BCL N . 3.11 1.66 19.64
OBD BCL N . 3.54 0.51 19.76
CBD BCL N . 3.86 2.85 19.05
CGD BCL N . 5.09 3.12 19.83
O1D BCL N . 6.20 2.95 19.34
O2D BCL N . 4.93 3.59 21.06
CED BCL N . 6.14 3.98 21.75
C1 BCL N . 2.28 7.56 12.38
C2 BCL N . 3.67 7.83 11.84
C3 BCL N . 4.23 8.98 11.55
C4 BCL N . 5.62 8.91 10.99
C5 BCL N . 3.65 10.34 11.82
C6 BCL N . 4.63 11.21 12.70
C7 BCL N . 5.61 10.39 13.59
C8 BCL N . 6.06 10.94 14.97
C9 BCL N . 7.04 9.92 15.60
C10 BCL N . 4.86 11.20 15.92
C11 BCL N . 5.27 11.12 17.41
C12 BCL N . 5.66 12.47 18.02
C13 BCL N . 5.68 12.42 19.56
C14 BCL N . 5.60 13.84 20.13
C15 BCL N . 6.91 11.68 20.14
C16 BCL N . 8.28 12.39 20.19
C17 BCL N . 8.75 12.62 21.64
C18 BCL N . 10.20 12.26 22.02
C19 BCL N . 11.21 13.28 21.50
C20 BCL N . 10.58 10.86 21.56
MG BCL O . -6.54 -2.02 19.68
CHA BCL O . -7.35 1.25 18.85
CHB BCL O . -5.36 -2.41 16.51
CHC BCL O . -5.28 -5.06 20.56
CHD BCL O . -6.67 -1.13 23.09
NA BCL O . -6.31 -0.77 18.03
C1A BCL O . -6.93 0.44 17.82
C2A BCL O . -6.97 0.95 16.38
C3A BCL O . -6.20 -0.20 15.69
C4A BCL O . -5.93 -1.22 16.80
CMA BCL O . -7.12 -0.76 14.59
CAA BCL O . -6.14 2.26 16.16
CBA BCL O . -6.20 2.76 14.70
CGA BCL O . -5.22 3.86 14.45
O1A BCL O . -4.79 4.07 13.34
O2A BCL O . -4.82 4.62 15.45
NB BCL O . -5.45 -3.38 18.75
C1B BCL O . -5.10 -3.44 17.38
C2B BCL O . -4.49 -4.62 17.06
C3B BCL O . -4.48 -5.41 18.22
C4B BCL O . -5.09 -4.68 19.24
CMB BCL O . -3.95 -5.05 15.69
CAB BCL O . -3.94 -6.78 18.37
OBB BCL O . -3.98 -7.27 19.49
CBB BCL O . -3.38 -7.60 17.22
NC BCL O . -6.03 -2.92 21.48
C1C BCL O . -5.74 -4.24 21.59
C2C BCL O . -5.88 -4.73 22.99
C3C BCL O . -5.95 -3.44 23.80
C4C BCL O . -6.25 -2.40 22.73
CMC BCL O . -7.20 -5.53 23.12
CAC BCL O . -4.61 -3.13 24.46
CBC BCL O . -4.22 -4.13 25.56
ND BCL O . -6.83 -0.40 20.78
C1D BCL O . -6.98 -0.13 22.13
C2D BCL O . -7.44 1.15 22.35
C3D BCL O . -7.67 1.74 21.11
C4D BCL O . -7.26 0.80 20.21
CMD BCL O . -7.74 1.85 23.69
CAD BCL O . -7.99 2.94 20.36
OBD BCL O . -8.35 4.02 20.84
CBD BCL O . -7.91 2.61 18.87
CGD BCL O . -9.33 2.39 18.43
O1D BCL O . -9.83 3.01 17.55
O2D BCL O . -10.10 1.46 19.05
CED BCL O . -11.42 1.13 18.56
C1 BCL O . -3.71 5.56 15.30
C2 BCL O . -4.27 6.88 14.77
C3 BCL O . -4.59 7.90 15.56
C4 BCL O . -4.36 7.75 17.06
C5 BCL O . -5.11 9.25 15.02
C6 BCL O . -4.13 10.41 15.34
C7 BCL O . -4.59 11.67 14.57
C8 BCL O . -3.98 12.99 15.08
C9 BCL O . -4.67 14.16 14.38
C10 BCL O . -2.46 13.01 14.82
C11 BCL O . -1.83 14.19 15.57
C12 BCL O . -0.30 14.20 15.31
C13 BCL O . 0.34 15.07 16.42
C14 BCL O . -0.04 16.55 16.23
C15 BCL O . 1.86 14.89 16.51
C16 BCL O . 2.51 15.36 15.20
C17 BCL O . 4.04 15.12 15.19
C18 BCL O . 4.52 15.10 13.73
C19 BCL O . 5.97 14.58 13.61
C20 BCL O . 4.43 16.51 13.11
FE FE P . -1.45 4.49 -6.94
P PO4 Q . -1.96 35.27 4.67
O1 PO4 Q . -0.46 35.51 4.78
O2 PO4 Q . -2.52 35.84 3.40
O3 PO4 Q . -2.22 33.78 4.70
O4 PO4 Q . -2.63 35.93 5.86
P PO4 R . -15.26 12.59 -6.07
O1 PO4 R . -15.28 14.16 -6.05
O2 PO4 R . -16.31 12.01 -7.00
O3 PO4 R . -13.95 12.07 -6.40
O4 PO4 R . -15.57 12.01 -4.69
N1 LDA S . -16.89 -8.16 13.52
O1 LDA S . -16.42 -8.94 14.36
CM1 LDA S . -18.17 -8.78 13.09
CM2 LDA S . -17.20 -6.94 14.27
C1 LDA S . -15.91 -7.77 12.47
C2 LDA S . -15.60 -8.83 11.38
C3 LDA S . -14.65 -8.28 10.28
C4 LDA S . -14.96 -8.69 8.82
C5 LDA S . -14.10 -8.05 7.71
C6 LDA S . -14.70 -6.94 6.80
C7 LDA S . -13.79 -6.51 5.61
C8 LDA S . -14.30 -5.28 4.80
C9 LDA S . -13.46 -4.70 3.61
C10 LDA S . -14.04 -3.44 2.95
C11 LDA S . -13.16 -2.68 1.92
C12 LDA S . -13.38 -1.15 1.74
N1 LDA T . -17.40 -9.42 -12.63
O1 LDA T . -17.01 -8.29 -12.99
CM1 LDA T . -18.58 -9.79 -13.44
CM2 LDA T . -16.31 -10.41 -12.87
C1 LDA T . -17.96 -9.38 -11.28
C2 LDA T . -16.91 -8.97 -10.28
C3 LDA T . -17.61 -8.55 -8.99
C4 LDA T . -16.84 -8.95 -7.74
C5 LDA T . -17.33 -8.19 -6.53
C6 LDA T . -16.23 -8.18 -5.50
C7 LDA T . -16.62 -7.40 -4.25
C8 LDA T . -15.75 -8.00 -3.16
C9 LDA T . -15.08 -6.94 -2.31
C10 LDA T . -14.39 -7.64 -1.15
C11 LDA T . -13.52 -6.67 -0.37
C12 LDA T . -13.50 -7.06 1.10
N1 LDA U . -15.94 14.29 -1.84
O1 LDA U . -16.58 15.07 -1.07
CM1 LDA U . -16.92 13.84 -2.86
CM2 LDA U . -14.88 15.10 -2.47
C1 LDA U . -15.38 13.14 -1.04
C2 LDA U . -15.02 11.83 -1.80
C3 LDA U . -14.54 10.68 -0.90
C4 LDA U . -13.60 11.06 0.26
C5 LDA U . -13.57 10.15 1.52
C6 LDA U . -14.14 10.92 2.70
C7 LDA U . -13.97 10.37 4.13
C8 LDA U . -15.11 10.82 5.07
C9 LDA U . -14.56 11.19 6.46
C10 LDA U . -15.69 11.50 7.46
C11 LDA U . -15.16 12.24 8.69
C12 LDA U . -15.85 11.88 10.02
O1D BPH V . -0.51 16.64 6.67
CGD BPH V . -0.84 15.52 6.91
O2D BPH V . -0.10 14.44 6.58
CED BPH V . 1.10 14.71 5.87
CBD BPH V . -2.12 15.17 7.61
CHA BPH V . -2.04 14.04 8.62
C4D BPH V . -2.86 13.01 8.35
C3D BPH V . -3.56 13.21 7.12
CAD BPH V . -3.11 14.55 6.62
OBD BPH V . -3.49 15.11 5.61
C2D BPH V . -4.33 12.14 6.85
CMD BPH V . -5.21 11.88 5.65
C1D BPH V . -4.13 11.15 7.95
ND BPH V . -3.23 11.78 8.80
CHD BPH V . -4.73 9.91 8.05
C4C BPH V . -4.38 8.98 9.17
C3C BPH V . -4.80 7.51 9.21
CAC BPH V . -6.27 7.14 9.16
CBC BPH V . -6.95 7.78 7.99
C2C BPH V . -4.30 7.12 10.61
CMC BPH V . -3.61 5.74 10.65
C1C BPH V . -3.36 8.27 10.95
NC BPH V . -3.49 9.29 10.06
CHC BPH V . -2.56 8.24 12.03
C4B BPH V . -1.60 9.16 12.56
C3B BPH V . -0.76 8.98 13.63
CAB BPH V . -0.73 7.83 14.52
CBB BPH V . -0.91 6.48 13.96
OBB BPH V . -0.50 7.87 15.74
C2B BPH V . 0.10 10.10 13.74
CMB BPH V . 1.09 10.28 14.81
C1B BPH V . -0.25 10.99 12.74
NB BPH V . -1.29 10.40 12.03
CHB BPH V . 0.35 12.24 12.37
C4A BPH V . -0.01 13.09 11.39
C3A BPH V . 0.78 14.36 11.04
CMA BPH V . 2.07 14.01 10.31
C2A BPH V . -0.23 15.11 10.15
C1A BPH V . -1.20 14.00 9.82
NA BPH V . -1.15 12.99 10.63
CAA BPH V . -1.00 16.13 10.97
CBA BPH V . -0.01 17.24 11.28
CGA BPH V . -0.57 18.20 12.28
O1A BPH V . -1.70 18.24 12.71
O2A BPH V . 0.40 19.04 12.69
C1 BPH V . 0.04 19.92 13.77
C2 BPH V . 1.35 20.11 14.49
C3 BPH V . 2.37 20.85 14.02
C4 BPH V . 2.22 21.65 12.77
C5 BPH V . 3.71 21.05 14.69
C6 BPH V . 4.14 20.08 15.80
C7 BPH V . 5.68 19.98 15.79
C8 BPH V . 6.29 19.20 16.98
C9 BPH V . 5.59 17.87 17.23
C10 BPH V . 7.82 18.98 16.89
C11 BPH V . 8.47 18.57 15.56
C12 BPH V . 9.06 17.14 15.53
C13 BPH V . 10.27 16.80 16.44
C14 BPH V . 10.30 15.27 16.68
C15 BPH V . 11.63 17.40 15.94
C16 BPH V . 11.77 18.95 15.86
C17 BPH V . 11.79 19.66 17.23
C18 BPH V . 13.05 20.49 17.65
C19 BPH V . 12.77 22.00 17.71
C20 BPH V . 13.73 20.03 18.95
CMA SPN W . 14.84 18.74 24.41
O1 SPN W . 14.03 19.51 25.32
CM1 SPN W . 13.73 21.32 23.81
CM2 SPN W . 12.45 21.36 25.99
C1 SPN W . 13.04 20.46 24.88
C2 SPN W . 11.83 19.77 24.29
O2 SPN W . 11.03 20.46 23.67
C3 SPN W . 11.59 18.28 24.50
C4 SPN W . 10.12 17.89 24.29
C5 SPN W . 9.65 16.64 24.58
CM3 SPN W . 10.56 15.57 25.17
C6 SPN W . 8.17 16.35 24.37
C7 SPN W . 7.82 14.87 24.17
C8 SPN W . 6.35 14.75 23.79
C9 SPN W . 5.64 13.62 23.95
CM4 SPN W . 6.27 12.37 24.49
C10 SPN W . 4.18 13.66 23.53
C11 SPN W . 3.67 12.23 23.27
C12 SPN W . 2.21 12.35 22.98
C13 SPN W . 1.39 11.29 22.76
CM5 SPN W . 1.94 9.90 22.84
C14 SPN W . -0.06 11.61 22.48
C15 SPN W . -1.01 10.46 22.47
C16 SPN W . -2.48 10.88 22.36
C17 SPN W . -2.71 12.38 22.48
C18 SPN W . -4.17 12.71 22.34
CM6 SPN W . -5.21 11.64 22.11
C19 SPN W . -4.56 13.99 22.43
C20 SPN W . -5.98 14.43 22.23
C21 SPN W . -5.89 15.91 22.51
C22 SPN W . -6.89 16.76 21.78
CM7 SPN W . -8.16 16.03 21.41
C23 SPN W . -7.02 18.07 22.55
C24 SPN W . -8.38 18.39 23.21
C25 SPN W . -8.30 19.82 23.74
C26 SPN W . -8.46 20.19 25.02
CM8 SPN W . -8.80 19.18 26.09
C27 SPN W . -8.37 21.68 25.37
C28 SPN W . -9.66 22.08 26.07
C29 SPN W . -9.88 23.57 26.23
C30 SPN W . -10.35 24.37 25.25
CM9 SPN W . -10.63 23.84 23.84
CMB SPN W . -10.58 25.84 25.55
C1 U10 X . -4.77 -3.55 -7.49
C2 U10 X . -4.16 -2.60 -8.34
C3 U10 X . -4.64 -2.40 -9.66
C4 U10 X . -5.75 -3.14 -10.15
C5 U10 X . -6.35 -4.07 -9.30
C6 U10 X . -5.89 -4.25 -7.97
C1M U10 X . -4.18 -3.77 -6.11
C3M U10 X . -3.78 -0.30 -10.36
C4M U10 X . -6.21 -1.86 -12.14
C7 U10 X . -6.60 -5.28 -7.09
C8 U10 X . -7.36 -4.63 -6.00
C9 U10 X . -8.82 -4.51 -5.93
C10 U10 X . -9.69 -5.14 -6.97
C11 U10 X . -9.37 -3.75 -4.73
C12 U10 X . -10.30 -4.59 -3.84
C13 U10 X . -9.42 -5.60 -3.17
C14 U10 X . -9.31 -5.79 -1.70
C15 U10 X . -10.10 -4.96 -0.73
C16 U10 X . -8.38 -6.87 -1.19
C17 U10 X . -9.15 -8.10 -0.66
C18 U10 X . -9.63 -9.02 -1.76
C19 U10 X . -10.66 -10.01 -1.39
C20 U10 X . -11.28 -9.97 -0.03
C21 U10 X . -11.15 -11.06 -2.35
C22 U10 X . -10.50 -12.39 -2.05
C23 U10 X . -10.78 -13.30 -3.22
C24 U10 X . -9.96 -14.50 -3.41
C25 U10 X . -8.79 -14.70 -2.53
C26 U10 X . -10.33 -15.54 -4.44
C27 U10 X . -11.76 -15.99 -4.13
C28 U10 X . -11.80 -17.46 -4.32
C29 U10 X . -12.80 -18.06 -5.22
C30 U10 X . -14.28 -17.75 -4.99
C31 U10 X . -12.32 -19.03 -6.30
C32 U10 X . -10.77 -19.09 -6.33
C33 U10 X . -10.12 -19.92 -7.44
C34 U10 X . -9.23 -21.06 -7.08
C35 U10 X . -9.61 -21.98 -5.92
C36 U10 X . -7.92 -21.27 -7.85
C37 U10 X . -8.03 -21.78 -9.30
C38 U10 X . -9.42 -21.67 -9.90
C39 U10 X . -10.28 -22.85 -10.17
C40 U10 X . -9.64 -24.22 -10.28
C41 U10 X . -11.79 -22.71 -10.23
O2 U10 X . -3.09 -2.03 -7.95
O3 U10 X . -3.95 -1.72 -10.49
O4 U10 X . -6.12 -3.06 -11.37
O5 U10 X . -7.34 -4.75 -9.71
#